data_2O57
#
_entry.id   2O57
#
_cell.length_a   97.541
_cell.length_b   291.433
_cell.length_c   86.340
_cell.angle_alpha   90.000
_cell.angle_beta   90.000
_cell.angle_gamma   90.000
#
_symmetry.space_group_name_H-M   'C 2 2 21'
#
loop_
_entity.id
_entity.type
_entity.pdbx_description
1 polymer 'putative sarcosine dimethylglycine methyltransferase'
2 water water
#
_entity_poly.entity_id   1
_entity_poly.type   'polypeptide(L)'
_entity_poly.pdbx_seq_one_letter_code
;SRVENSNGQSQPAATSKTVKDNAEIYYDDDDSDRFYFHVWGGEDIHVGLYKEPVDQDEIREASLRTDEWLASELA(MSE)
TGVLQRQAKGLDLGAGYGGAARFLVRKFGVSIDCLNIAPVQNKRNEEYNNQAGLADNITVKYGSFLEIPCEDNSYDFIWS
QDAFLHSPDKLKVFQECARVLKPRGV(MSE)AITDP(MSE)KEDGIDKSSIQPILDRIKLHD(MSE)GSLGLYRSLAKEC
GLVTLRTFSRPDSLVHHYSKVKAELIKRSSEIASFCSPEFQAN(MSE)KRGLEHWIEGGRAGKLTWGG(MSE)LFRKSDK
I
;
_entity_poly.pdbx_strand_id   A,B,C,D
#
# COMPACT_ATOMS: atom_id res chain seq x y z
N SER A 16 1.72 28.82 31.18
CA SER A 16 1.47 30.24 30.77
C SER A 16 2.38 30.68 29.62
N LYS A 17 3.63 30.23 29.63
CA LYS A 17 4.56 30.52 28.52
C LYS A 17 4.03 29.92 27.20
N THR A 18 3.63 28.65 27.25
CA THR A 18 3.02 27.93 26.10
C THR A 18 1.79 28.64 25.53
N VAL A 19 0.86 29.05 26.40
CA VAL A 19 -0.32 29.83 25.98
C VAL A 19 0.10 31.10 25.21
N LYS A 20 1.02 31.85 25.80
CA LYS A 20 1.54 33.09 25.22
C LYS A 20 2.26 32.87 23.90
N ASP A 21 3.24 31.97 23.91
CA ASP A 21 4.00 31.64 22.70
C ASP A 21 3.09 31.14 21.56
N ASN A 22 2.15 30.25 21.88
CA ASN A 22 1.20 29.71 20.88
C ASN A 22 0.26 30.78 20.34
N ALA A 23 -0.19 31.69 21.22
CA ALA A 23 -1.01 32.84 20.83
C ALA A 23 -0.28 33.66 19.79
N GLU A 24 1.00 33.97 20.06
CA GLU A 24 1.81 34.80 19.16
C GLU A 24 2.15 34.12 17.83
N ILE A 25 2.45 32.83 17.88
CA ILE A 25 2.65 32.06 16.65
C ILE A 25 1.36 32.19 15.83
N TYR A 26 0.23 32.18 16.52
CA TYR A 26 -1.10 32.11 15.92
C TYR A 26 -1.55 33.45 15.31
N TYR A 27 -0.76 34.53 15.52
CA TYR A 27 -1.12 35.79 14.85
C TYR A 27 -1.01 35.64 13.33
N ASP A 28 -0.18 34.72 12.86
CA ASP A 28 -0.12 34.46 11.41
CA ASP A 28 -0.10 34.39 11.42
C ASP A 28 -1.49 33.99 10.92
N ASP A 29 -2.12 33.05 11.64
CA ASP A 29 -3.47 32.55 11.31
C ASP A 29 -4.49 33.68 11.47
N ASP A 30 -4.39 34.43 12.57
CA ASP A 30 -5.31 35.56 12.82
C ASP A 30 -5.21 36.63 11.75
N ASP A 31 -4.00 37.00 11.36
CA ASP A 31 -3.84 38.07 10.36
C ASP A 31 -4.20 37.60 8.95
N SER A 32 -3.95 36.33 8.65
CA SER A 32 -4.46 35.72 7.43
C SER A 32 -5.98 35.86 7.42
N ASP A 33 -6.65 35.51 8.51
CA ASP A 33 -8.09 35.71 8.58
C ASP A 33 -8.55 37.18 8.43
N ARG A 34 -7.80 38.13 9.01
CA ARG A 34 -8.08 39.55 8.80
C ARG A 34 -8.06 39.92 7.31
N PHE A 35 -7.08 39.37 6.59
CA PHE A 35 -6.98 39.57 5.14
C PHE A 35 -8.18 38.98 4.42
N TYR A 36 -8.50 37.71 4.66
CA TYR A 36 -9.65 37.10 3.96
C TYR A 36 -10.97 37.77 4.34
N PHE A 37 -11.15 38.04 5.62
CA PHE A 37 -12.33 38.76 6.05
C PHE A 37 -12.42 40.15 5.40
N HIS A 38 -11.29 40.83 5.25
CA HIS A 38 -11.31 42.21 4.71
C HIS A 38 -11.90 42.19 3.30
N VAL A 39 -11.53 41.19 2.51
CA VAL A 39 -11.94 41.17 1.10
C VAL A 39 -13.30 40.51 0.92
N TRP A 40 -13.50 39.38 1.59
CA TRP A 40 -14.65 38.52 1.33
C TRP A 40 -15.64 38.40 2.52
N GLY A 41 -15.36 39.14 3.62
CA GLY A 41 -16.33 39.22 4.72
C GLY A 41 -16.66 37.86 5.31
N GLY A 42 -17.90 37.69 5.71
CA GLY A 42 -18.31 36.49 6.41
C GLY A 42 -18.75 35.37 5.53
N GLU A 43 -18.56 35.51 4.22
CA GLU A 43 -18.94 34.44 3.30
C GLU A 43 -17.64 33.74 2.92
N ASP A 44 -17.37 32.64 3.62
CA ASP A 44 -16.05 32.02 3.66
C ASP A 44 -15.57 31.57 2.29
N ILE A 45 -14.29 31.81 2.05
CA ILE A 45 -13.50 31.35 0.89
C ILE A 45 -12.73 30.04 1.17
N HIS A 46 -12.79 29.12 0.21
CA HIS A 46 -11.96 27.92 0.25
C HIS A 46 -11.40 27.75 -1.16
N VAL A 47 -10.55 26.74 -1.34
CA VAL A 47 -9.89 26.53 -2.64
C VAL A 47 -10.96 26.45 -3.73
N GLY A 48 -10.81 27.24 -4.78
CA GLY A 48 -11.82 27.42 -5.80
C GLY A 48 -11.68 26.48 -7.01
N LEU A 49 -12.77 26.39 -7.77
CA LEU A 49 -12.75 25.77 -9.08
C LEU A 49 -12.72 26.93 -10.11
N TYR A 50 -11.59 27.11 -10.79
CA TYR A 50 -11.34 28.29 -11.67
C TYR A 50 -11.61 28.04 -13.16
N LYS A 51 -12.15 29.06 -13.83
CA LYS A 51 -12.48 28.97 -15.26
C LYS A 51 -11.38 29.73 -16.00
N GLU A 52 -10.82 29.14 -17.07
CA GLU A 52 -9.85 29.88 -17.93
C GLU A 52 -10.51 30.98 -18.74
N PRO A 53 -9.82 32.13 -18.96
CA PRO A 53 -8.50 32.53 -18.42
C PRO A 53 -8.57 32.90 -16.93
N VAL A 54 -7.81 32.15 -16.14
CA VAL A 54 -7.87 32.22 -14.70
C VAL A 54 -7.60 33.66 -14.20
N ASP A 55 -6.75 34.39 -14.90
CA ASP A 55 -6.40 35.77 -14.45
C ASP A 55 -7.65 36.68 -14.48
N GLN A 56 -8.63 36.34 -15.34
CA GLN A 56 -9.91 37.08 -15.46
C GLN A 56 -11.02 36.61 -14.50
N ASP A 57 -10.83 35.42 -13.91
CA ASP A 57 -11.82 34.81 -13.04
C ASP A 57 -11.75 35.45 -11.65
N GLU A 58 -12.81 35.37 -10.88
CA GLU A 58 -12.76 35.93 -9.53
C GLU A 58 -12.74 34.81 -8.49
N ILE A 59 -12.02 35.05 -7.40
CA ILE A 59 -11.89 34.08 -6.32
C ILE A 59 -13.28 33.75 -5.72
N ARG A 60 -14.10 34.78 -5.47
CA ARG A 60 -15.47 34.57 -4.98
C ARG A 60 -16.23 33.56 -5.86
N GLU A 61 -16.24 33.81 -7.16
CA GLU A 61 -16.95 32.94 -8.12
C GLU A 61 -16.40 31.51 -8.04
N ALA A 62 -15.07 31.36 -8.12
CA ALA A 62 -14.44 30.02 -8.02
C ALA A 62 -14.74 29.29 -6.70
N SER A 63 -14.68 30.00 -5.57
CA SER A 63 -14.97 29.42 -4.27
C SER A 63 -16.47 28.97 -4.23
N LEU A 64 -17.38 29.74 -4.79
CA LEU A 64 -18.79 29.30 -4.96
C LEU A 64 -18.96 28.09 -5.86
N ARG A 65 -18.16 28.00 -6.93
CA ARG A 65 -18.18 26.78 -7.79
C ARG A 65 -17.80 25.54 -6.96
N THR A 66 -16.77 25.69 -6.11
CA THR A 66 -16.40 24.61 -5.20
C THR A 66 -17.57 24.21 -4.29
N ASP A 67 -18.27 25.20 -3.71
CA ASP A 67 -19.38 24.91 -2.79
C ASP A 67 -20.55 24.20 -3.51
N GLU A 68 -20.88 24.67 -4.72
CA GLU A 68 -21.90 24.03 -5.58
C GLU A 68 -21.48 22.62 -5.93
N TRP A 69 -20.22 22.44 -6.33
CA TRP A 69 -19.70 21.10 -6.71
C TRP A 69 -19.79 20.14 -5.51
N LEU A 70 -19.23 20.54 -4.36
CA LEU A 70 -19.19 19.64 -3.21
C LEU A 70 -20.60 19.29 -2.74
N ALA A 71 -21.48 20.28 -2.73
CA ALA A 71 -22.87 20.09 -2.33
C ALA A 71 -23.57 19.15 -3.33
N SER A 72 -23.25 19.29 -4.62
CA SER A 72 -23.83 18.40 -5.63
C SER A 72 -23.39 16.94 -5.42
N GLU A 73 -22.11 16.73 -5.08
CA GLU A 73 -21.58 15.39 -4.84
C GLU A 73 -22.32 14.80 -3.63
N LEU A 74 -22.42 15.57 -2.56
CA LEU A 74 -23.13 15.15 -1.37
C LEU A 74 -24.61 14.85 -1.65
N ALA A 75 -25.27 15.70 -2.44
CA ALA A 75 -26.70 15.51 -2.75
C ALA A 75 -26.98 14.18 -3.48
N MSE A 76 -26.05 13.79 -4.35
CA MSE A 76 -26.17 12.51 -5.10
C MSE A 76 -26.21 11.31 -4.15
O MSE A 76 -26.72 10.26 -4.53
CB MSE A 76 -25.03 12.36 -6.14
CG MSE A 76 -25.05 13.40 -7.27
SE MSE A 76 -26.55 13.12 -8.44
CE MSE A 76 -25.72 11.86 -9.67
N THR A 77 -25.69 11.46 -2.92
CA THR A 77 -25.73 10.32 -1.96
C THR A 77 -27.08 10.20 -1.22
N GLY A 78 -28.01 11.14 -1.45
CA GLY A 78 -29.31 11.12 -0.77
C GLY A 78 -29.42 11.75 0.61
N VAL A 79 -28.30 12.22 1.18
CA VAL A 79 -28.31 12.67 2.59
C VAL A 79 -28.86 14.08 2.80
N LEU A 80 -28.98 14.87 1.72
CA LEU A 80 -29.35 16.28 1.89
C LEU A 80 -30.88 16.53 1.81
N GLN A 81 -31.62 15.73 2.57
CA GLN A 81 -33.07 15.86 2.68
C GLN A 81 -33.39 17.07 3.55
N ARG A 82 -34.57 17.65 3.37
CA ARG A 82 -35.06 18.68 4.28
C ARG A 82 -35.01 18.15 5.70
N GLN A 83 -34.53 18.98 6.62
CA GLN A 83 -34.39 18.62 8.04
C GLN A 83 -33.31 17.54 8.38
N ALA A 84 -32.53 17.08 7.38
CA ALA A 84 -31.35 16.26 7.68
C ALA A 84 -30.41 17.10 8.53
N LYS A 85 -29.66 16.45 9.38
CA LYS A 85 -28.79 17.17 10.31
C LYS A 85 -27.33 16.95 9.93
N GLY A 86 -26.63 18.06 9.69
CA GLY A 86 -25.24 17.99 9.36
C GLY A 86 -24.40 18.74 10.35
N LEU A 87 -23.11 18.38 10.33
CA LEU A 87 -22.09 18.94 11.16
C LEU A 87 -21.03 19.57 10.28
N ASP A 88 -20.75 20.86 10.49
CA ASP A 88 -19.71 21.53 9.70
C ASP A 88 -18.46 21.65 10.55
N LEU A 89 -17.44 20.87 10.19
CA LEU A 89 -16.18 20.84 10.92
C LEU A 89 -15.25 21.91 10.36
N GLY A 90 -14.99 22.95 11.13
CA GLY A 90 -14.14 24.05 10.70
C GLY A 90 -14.97 25.07 9.97
N ALA A 91 -16.12 25.41 10.54
CA ALA A 91 -17.12 26.20 9.83
C ALA A 91 -16.79 27.68 9.50
N GLY A 92 -15.75 28.24 10.13
CA GLY A 92 -15.33 29.63 9.90
C GLY A 92 -16.45 30.55 10.29
N TYR A 93 -16.82 31.45 9.39
CA TYR A 93 -17.89 32.40 9.61
C TYR A 93 -19.27 31.86 9.30
N GLY A 94 -19.33 30.60 8.86
CA GLY A 94 -20.59 29.91 8.70
C GLY A 94 -21.16 30.02 7.30
N GLY A 95 -20.33 30.44 6.35
CA GLY A 95 -20.79 30.66 4.99
C GLY A 95 -21.40 29.42 4.35
N ALA A 96 -20.69 28.28 4.46
CA ALA A 96 -21.17 27.00 3.91
C ALA A 96 -22.45 26.59 4.57
N ALA A 97 -22.53 26.78 5.90
CA ALA A 97 -23.72 26.37 6.64
C ALA A 97 -24.94 27.15 6.13
N ARG A 98 -24.79 28.46 5.98
CA ARG A 98 -25.87 29.26 5.42
C ARG A 98 -26.22 28.86 3.99
N PHE A 99 -25.19 28.63 3.15
CA PHE A 99 -25.39 28.11 1.76
C PHE A 99 -26.21 26.79 1.75
N LEU A 100 -25.81 25.83 2.57
CA LEU A 100 -26.53 24.54 2.61
C LEU A 100 -27.98 24.64 3.14
N VAL A 101 -28.17 25.45 4.18
CA VAL A 101 -29.48 25.64 4.78
C VAL A 101 -30.42 26.29 3.74
N ARG A 102 -30.00 27.40 3.11
CA ARG A 102 -30.85 28.06 2.10
C ARG A 102 -31.14 27.13 0.91
N LYS A 103 -30.18 26.29 0.53
CA LYS A 103 -30.31 25.49 -0.69
C LYS A 103 -31.13 24.20 -0.47
N PHE A 104 -30.88 23.52 0.65
CA PHE A 104 -31.47 22.18 0.94
C PHE A 104 -32.47 22.16 2.12
N GLY A 105 -32.53 23.22 2.92
CA GLY A 105 -33.37 23.21 4.11
C GLY A 105 -32.96 22.17 5.16
N VAL A 106 -31.68 21.79 5.18
CA VAL A 106 -31.11 20.99 6.25
C VAL A 106 -30.89 21.87 7.49
N SER A 107 -30.50 21.24 8.59
CA SER A 107 -30.01 21.93 9.77
C SER A 107 -28.51 21.65 9.93
N ILE A 108 -27.75 22.65 10.34
CA ILE A 108 -26.29 22.53 10.45
C ILE A 108 -25.82 22.93 11.84
N ASP A 109 -25.02 22.07 12.47
CA ASP A 109 -24.27 22.49 13.66
C ASP A 109 -22.85 22.80 13.19
N CYS A 110 -22.36 23.99 13.53
CA CYS A 110 -21.00 24.40 13.18
C CYS A 110 -20.09 24.12 14.37
N LEU A 111 -18.95 23.51 14.13
CA LEU A 111 -17.93 23.35 15.16
C LEU A 111 -16.70 24.08 14.73
N ASN A 112 -16.22 25.00 15.57
CA ASN A 112 -15.12 25.84 15.15
C ASN A 112 -14.32 26.26 16.38
N ILE A 113 -13.01 26.34 16.22
CA ILE A 113 -12.09 26.62 17.32
C ILE A 113 -11.91 28.12 17.59
N ALA A 114 -12.30 28.98 16.65
CA ALA A 114 -12.01 30.40 16.77
C ALA A 114 -13.23 31.13 17.32
N PRO A 115 -13.16 31.56 18.60
CA PRO A 115 -14.37 32.12 19.21
C PRO A 115 -14.88 33.44 18.59
N VAL A 116 -14.02 34.26 17.98
CA VAL A 116 -14.50 35.52 17.36
C VAL A 116 -15.24 35.16 16.07
N GLN A 117 -14.71 34.19 15.30
CA GLN A 117 -15.45 33.65 14.17
C GLN A 117 -16.82 33.08 14.57
N ASN A 118 -16.88 32.31 15.66
CA ASN A 118 -18.14 31.77 16.13
C ASN A 118 -19.14 32.84 16.50
N LYS A 119 -18.66 33.89 17.16
CA LYS A 119 -19.57 34.97 17.53
C LYS A 119 -20.12 35.68 16.29
N ARG A 120 -19.26 35.95 15.30
CA ARG A 120 -19.72 36.57 14.03
C ARG A 120 -20.68 35.70 13.29
N ASN A 121 -20.36 34.39 13.20
CA ASN A 121 -21.24 33.36 12.64
C ASN A 121 -22.68 33.45 13.23
N GLU A 122 -22.80 33.40 14.55
CA GLU A 122 -24.11 33.53 15.21
C GLU A 122 -24.80 34.85 14.80
N GLU A 123 -24.04 35.94 14.74
CA GLU A 123 -24.57 37.27 14.38
C GLU A 123 -25.17 37.22 12.97
N TYR A 124 -24.39 36.69 12.02
CA TYR A 124 -24.86 36.50 10.63
C TYR A 124 -26.10 35.64 10.54
N ASN A 125 -26.14 34.55 11.30
CA ASN A 125 -27.32 33.67 11.29
C ASN A 125 -28.56 34.35 11.85
N ASN A 126 -28.36 35.13 12.90
CA ASN A 126 -29.44 35.94 13.47
C ASN A 126 -29.96 36.96 12.45
N GLN A 127 -29.07 37.72 11.80
CA GLN A 127 -29.48 38.70 10.76
C GLN A 127 -30.17 38.00 9.58
N ALA A 128 -29.69 36.79 9.23
CA ALA A 128 -30.23 36.03 8.10
C ALA A 128 -31.61 35.45 8.42
N GLY A 129 -31.94 35.38 9.70
CA GLY A 129 -33.15 34.69 10.13
C GLY A 129 -32.95 33.19 10.02
N LEU A 130 -31.71 32.72 10.19
CA LEU A 130 -31.44 31.27 10.06
C LEU A 130 -31.05 30.59 11.37
N ALA A 131 -31.28 31.28 12.48
CA ALA A 131 -30.78 30.83 13.77
C ALA A 131 -31.50 29.56 14.29
N ASP A 132 -32.71 29.29 13.81
CA ASP A 132 -33.36 28.01 14.15
C ASP A 132 -32.76 26.83 13.40
N ASN A 133 -32.00 27.08 12.32
CA ASN A 133 -31.41 26.00 11.55
C ASN A 133 -29.92 25.82 11.75
N ILE A 134 -29.26 26.85 12.26
CA ILE A 134 -27.79 26.79 12.43
C ILE A 134 -27.39 27.05 13.89
N THR A 135 -26.65 26.11 14.47
CA THR A 135 -26.10 26.33 15.79
C THR A 135 -24.60 26.43 15.69
N VAL A 136 -23.99 27.19 16.57
CA VAL A 136 -22.56 27.37 16.48
C VAL A 136 -22.00 26.92 17.82
N LYS A 137 -21.08 25.96 17.77
CA LYS A 137 -20.45 25.40 18.98
C LYS A 137 -18.94 25.59 18.89
N TYR A 138 -18.30 25.90 20.01
CA TYR A 138 -16.87 25.98 20.12
C TYR A 138 -16.35 24.59 20.42
N GLY A 139 -15.25 24.21 19.77
CA GLY A 139 -14.56 23.01 20.15
C GLY A 139 -13.59 22.46 19.12
N SER A 140 -13.13 21.25 19.42
CA SER A 140 -12.05 20.58 18.71
C SER A 140 -12.59 19.36 17.98
N PHE A 141 -12.02 19.04 16.80
CA PHE A 141 -12.38 17.81 16.05
C PHE A 141 -11.92 16.57 16.79
N LEU A 142 -11.00 16.73 17.75
CA LEU A 142 -10.51 15.59 18.55
C LEU A 142 -11.52 15.24 19.65
N GLU A 143 -12.44 16.14 19.93
CA GLU A 143 -13.45 15.92 20.95
C GLU A 143 -14.76 16.60 20.56
N ILE A 144 -15.42 16.05 19.56
CA ILE A 144 -16.63 16.68 19.04
C ILE A 144 -17.66 16.64 20.18
N PRO A 145 -18.15 17.83 20.60
CA PRO A 145 -18.99 17.90 21.81
C PRO A 145 -20.41 17.50 21.47
N CYS A 146 -20.61 16.26 21.03
CA CYS A 146 -21.89 15.76 20.53
CA CYS A 146 -21.95 15.76 20.75
C CYS A 146 -22.00 14.25 20.86
N GLU A 147 -23.23 13.71 20.96
CA GLU A 147 -23.46 12.27 21.17
C GLU A 147 -23.08 11.39 19.93
N ASP A 148 -22.90 10.10 20.15
CA ASP A 148 -22.72 9.13 19.05
C ASP A 148 -23.94 9.12 18.15
N ASN A 149 -23.72 8.85 16.86
CA ASN A 149 -24.79 8.67 15.91
C ASN A 149 -25.76 9.84 15.83
N SER A 150 -25.22 11.07 15.77
CA SER A 150 -26.02 12.30 15.74
C SER A 150 -26.30 12.84 14.33
N TYR A 151 -25.38 12.65 13.39
CA TYR A 151 -25.46 13.34 12.11
C TYR A 151 -25.77 12.53 10.88
N ASP A 152 -26.65 13.05 10.05
CA ASP A 152 -26.84 12.48 8.73
C ASP A 152 -25.62 12.68 7.85
N PHE A 153 -24.88 13.78 8.05
CA PHE A 153 -23.74 14.13 7.21
C PHE A 153 -22.78 15.08 7.92
N ILE A 154 -21.54 15.05 7.46
CA ILE A 154 -20.46 15.95 7.87
C ILE A 154 -19.89 16.63 6.61
N TRP A 155 -19.63 17.93 6.75
CA TRP A 155 -19.06 18.76 5.71
C TRP A 155 -17.83 19.38 6.33
N SER A 156 -16.69 19.31 5.63
CA SER A 156 -15.49 19.98 6.15
C SER A 156 -14.62 20.47 4.99
N GLN A 157 -14.44 21.77 4.87
CA GLN A 157 -13.67 22.33 3.76
C GLN A 157 -12.36 22.93 4.25
N ASP A 158 -11.27 22.26 3.89
CA ASP A 158 -9.88 22.73 4.11
C ASP A 158 -9.52 22.91 5.59
N ALA A 159 -10.20 22.17 6.44
CA ALA A 159 -9.97 22.29 7.89
C ALA A 159 -9.02 21.23 8.47
N PHE A 160 -9.00 20.04 7.88
CA PHE A 160 -8.23 18.90 8.44
C PHE A 160 -6.72 19.16 8.32
N LEU A 161 -6.33 19.99 7.34
CA LEU A 161 -4.94 20.39 7.11
C LEU A 161 -4.18 20.69 8.43
N HIS A 162 -4.81 21.46 9.31
CA HIS A 162 -4.17 21.95 10.52
C HIS A 162 -4.27 21.01 11.73
N SER A 163 -5.13 20.01 11.60
CA SER A 163 -5.36 19.10 12.69
C SER A 163 -4.21 18.14 12.84
N PRO A 164 -3.60 18.10 14.04
CA PRO A 164 -2.79 16.92 14.26
C PRO A 164 -3.74 15.78 14.66
N ASP A 165 -3.16 14.63 14.93
CA ASP A 165 -3.93 13.46 15.27
C ASP A 165 -5.08 13.21 14.30
N LYS A 166 -4.72 12.99 13.04
CA LYS A 166 -5.69 12.67 11.98
C LYS A 166 -6.49 11.40 12.29
N LEU A 167 -5.87 10.40 12.92
CA LEU A 167 -6.63 9.20 13.31
C LEU A 167 -7.78 9.58 14.26
N LYS A 168 -7.48 10.35 15.29
CA LYS A 168 -8.54 10.77 16.22
C LYS A 168 -9.67 11.58 15.55
N VAL A 169 -9.32 12.46 14.60
CA VAL A 169 -10.29 13.19 13.74
C VAL A 169 -11.25 12.21 13.07
N PHE A 170 -10.69 11.24 12.36
CA PHE A 170 -11.54 10.27 11.68
C PHE A 170 -12.33 9.38 12.66
N GLN A 171 -11.77 9.08 13.83
CA GLN A 171 -12.51 8.29 14.83
C GLN A 171 -13.76 9.07 15.32
N GLU A 172 -13.57 10.37 15.58
CA GLU A 172 -14.66 11.24 16.01
C GLU A 172 -15.70 11.40 14.90
N CYS A 173 -15.24 11.58 13.66
CA CYS A 173 -16.17 11.67 12.52
C CYS A 173 -17.07 10.44 12.44
N ALA A 174 -16.46 9.25 12.52
CA ALA A 174 -17.22 8.03 12.44
C ALA A 174 -18.16 7.88 13.64
N ARG A 175 -17.68 8.21 14.84
CA ARG A 175 -18.52 8.16 16.05
C ARG A 175 -19.80 8.98 15.94
N VAL A 176 -19.68 10.22 15.46
CA VAL A 176 -20.83 11.10 15.46
C VAL A 176 -21.75 10.95 14.25
N LEU A 177 -21.29 10.24 13.23
CA LEU A 177 -22.16 9.97 12.08
C LEU A 177 -23.12 8.89 12.44
N LYS A 178 -24.35 9.04 11.96
CA LYS A 178 -25.29 7.92 12.00
C LYS A 178 -24.81 6.82 11.07
N PRO A 179 -25.28 5.58 11.29
CA PRO A 179 -25.03 4.53 10.30
C PRO A 179 -25.48 5.01 8.92
N ARG A 180 -24.64 4.79 7.92
CA ARG A 180 -24.90 5.18 6.52
C ARG A 180 -24.88 6.70 6.31
N GLY A 181 -24.54 7.45 7.36
CA GLY A 181 -24.20 8.87 7.21
C GLY A 181 -23.04 9.11 6.26
N VAL A 182 -22.98 10.30 5.66
CA VAL A 182 -22.01 10.54 4.61
C VAL A 182 -21.13 11.73 5.00
N MSE A 183 -19.83 11.64 4.77
CA MSE A 183 -18.97 12.80 5.03
C MSE A 183 -18.35 13.29 3.74
O MSE A 183 -17.74 12.50 3.00
CB MSE A 183 -17.87 12.43 6.01
CG MSE A 183 -16.84 13.57 6.16
SE MSE A 183 -15.77 13.53 7.78
CE MSE A 183 -14.65 12.09 7.39
N ALA A 184 -18.43 14.59 3.51
CA ALA A 184 -17.75 15.22 2.36
C ALA A 184 -16.66 16.16 2.88
N ILE A 185 -15.42 15.94 2.44
CA ILE A 185 -14.29 16.79 2.87
C ILE A 185 -13.49 17.28 1.70
N THR A 186 -12.83 18.42 1.91
CA THR A 186 -11.81 18.92 0.99
C THR A 186 -10.60 19.32 1.86
N ASP A 187 -9.39 19.23 1.31
CA ASP A 187 -8.20 19.61 2.07
C ASP A 187 -7.04 19.84 1.14
N PRO A 188 -6.30 20.94 1.34
CA PRO A 188 -5.00 20.97 0.68
C PRO A 188 -4.19 19.80 1.24
N MSE A 189 -3.40 19.15 0.38
CA MSE A 189 -2.69 17.93 0.79
C MSE A 189 -1.41 17.73 0.00
O MSE A 189 -1.13 18.49 -0.91
CB MSE A 189 -3.59 16.68 0.76
CG MSE A 189 -4.63 16.51 -0.31
SE MSE A 189 -5.84 14.93 0.13
CE MSE A 189 -7.29 15.54 0.96
N LYS A 190 -0.61 16.75 0.41
CA LYS A 190 0.49 16.28 -0.39
C LYS A 190 0.00 15.13 -1.28
N GLU A 191 0.65 14.97 -2.43
CA GLU A 191 0.41 13.79 -3.27
C GLU A 191 0.88 12.52 -2.56
N ASP A 192 0.11 11.43 -2.73
CA ASP A 192 0.54 10.10 -2.24
C ASP A 192 1.95 9.80 -2.70
N GLY A 193 2.76 9.24 -1.81
CA GLY A 193 4.15 8.87 -2.15
C GLY A 193 5.19 9.96 -2.00
N ILE A 194 4.76 11.15 -1.58
CA ILE A 194 5.69 12.26 -1.32
C ILE A 194 6.13 12.18 0.14
N ASP A 195 7.43 12.03 0.39
CA ASP A 195 7.91 12.01 1.77
C ASP A 195 7.87 13.41 2.34
N LYS A 196 7.61 13.52 3.64
CA LYS A 196 7.73 14.81 4.34
C LYS A 196 9.10 15.51 4.09
N SER A 197 10.20 14.73 4.02
CA SER A 197 11.54 15.31 3.77
C SER A 197 11.57 16.20 2.53
N SER A 198 10.64 15.95 1.61
CA SER A 198 10.63 16.64 0.31
C SER A 198 9.69 17.86 0.24
N ILE A 199 9.00 18.15 1.35
CA ILE A 199 8.06 19.28 1.46
C ILE A 199 8.31 20.04 2.77
N GLN A 200 9.55 19.98 3.22
CA GLN A 200 9.98 20.58 4.45
C GLN A 200 9.78 22.12 4.47
N PRO A 201 10.19 22.85 3.41
CA PRO A 201 9.92 24.27 3.40
C PRO A 201 8.46 24.61 3.72
N ILE A 202 7.51 23.91 3.11
CA ILE A 202 6.10 24.18 3.37
C ILE A 202 5.63 23.69 4.75
N LEU A 203 6.13 22.53 5.19
CA LEU A 203 5.81 22.05 6.53
C LEU A 203 6.37 23.04 7.56
N ASP A 204 7.58 23.54 7.29
CA ASP A 204 8.24 24.53 8.17
C ASP A 204 7.52 25.86 8.15
N ARG A 205 7.25 26.36 6.94
CA ARG A 205 6.64 27.68 6.71
C ARG A 205 5.28 27.80 7.42
N ILE A 206 4.46 26.75 7.32
CA ILE A 206 3.11 26.75 7.93
C ILE A 206 3.04 26.02 9.30
N LYS A 207 4.18 25.36 9.66
CA LYS A 207 4.38 24.76 11.00
C LYS A 207 3.62 23.43 11.27
N LEU A 208 3.83 22.46 10.37
CA LEU A 208 3.24 21.12 10.46
C LEU A 208 4.33 20.02 10.39
N HIS A 209 4.17 18.92 11.13
CA HIS A 209 5.13 17.79 11.05
C HIS A 209 5.08 17.02 9.72
N ASP A 210 3.86 16.73 9.27
CA ASP A 210 3.58 16.11 7.99
C ASP A 210 2.18 16.54 7.53
N MSE A 211 1.76 16.04 6.37
CA MSE A 211 0.58 16.52 5.71
C MSE A 211 -0.37 15.34 5.44
O MSE A 211 0.08 14.21 5.35
CB MSE A 211 1.00 17.15 4.38
CG MSE A 211 0.09 18.20 3.92
SE MSE A 211 0.80 19.21 2.46
CE MSE A 211 -0.75 20.08 2.19
N GLY A 212 -1.67 15.63 5.31
CA GLY A 212 -2.63 14.65 4.82
C GLY A 212 -2.39 14.29 3.36
N SER A 213 -2.94 13.15 2.93
CA SER A 213 -2.95 12.73 1.51
C SER A 213 -4.16 11.81 1.32
N LEU A 214 -4.59 11.65 0.06
CA LEU A 214 -5.75 10.82 -0.25
C LEU A 214 -5.56 9.39 0.28
N GLY A 215 -4.35 8.84 0.12
CA GLY A 215 -4.09 7.47 0.56
C GLY A 215 -4.18 7.34 2.08
N LEU A 216 -3.61 8.30 2.80
CA LEU A 216 -3.68 8.26 4.27
C LEU A 216 -5.12 8.39 4.79
N TYR A 217 -5.83 9.41 4.29
CA TYR A 217 -7.21 9.63 4.70
C TYR A 217 -8.09 8.40 4.43
N ARG A 218 -7.89 7.75 3.28
CA ARG A 218 -8.66 6.54 2.94
C ARG A 218 -8.39 5.42 3.96
N SER A 219 -7.12 5.24 4.31
CA SER A 219 -6.67 4.21 5.26
C SER A 219 -7.24 4.47 6.65
N LEU A 220 -7.10 5.71 7.13
CA LEU A 220 -7.66 6.12 8.43
C LEU A 220 -9.17 5.97 8.44
N ALA A 221 -9.83 6.49 7.41
CA ALA A 221 -11.28 6.40 7.37
C ALA A 221 -11.72 4.90 7.42
N LYS A 222 -11.02 4.04 6.68
CA LYS A 222 -11.42 2.62 6.61
C LYS A 222 -11.28 1.94 7.95
N GLU A 223 -10.18 2.21 8.64
CA GLU A 223 -9.95 1.75 10.01
C GLU A 223 -11.15 2.08 10.93
N CYS A 224 -11.78 3.23 10.68
CA CYS A 224 -12.89 3.75 11.49
C CYS A 224 -14.28 3.35 11.02
N GLY A 225 -14.35 2.44 10.04
CA GLY A 225 -15.62 2.00 9.46
C GLY A 225 -16.23 2.98 8.46
N LEU A 226 -15.38 3.82 7.85
CA LEU A 226 -15.83 4.71 6.78
C LEU A 226 -15.26 4.29 5.46
N VAL A 227 -16.14 3.86 4.57
CA VAL A 227 -15.75 3.48 3.21
C VAL A 227 -15.62 4.73 2.33
N THR A 228 -14.62 4.72 1.44
CA THR A 228 -14.38 5.83 0.54
C THR A 228 -15.22 5.59 -0.71
N LEU A 229 -16.16 6.49 -0.93
CA LEU A 229 -17.08 6.43 -2.09
C LEU A 229 -16.45 6.95 -3.35
N ARG A 230 -15.70 8.05 -3.22
CA ARG A 230 -15.05 8.72 -4.35
C ARG A 230 -13.98 9.69 -3.87
N THR A 231 -12.98 9.95 -4.73
CA THR A 231 -11.93 10.91 -4.45
C THR A 231 -11.60 11.78 -5.68
N PHE A 232 -10.99 12.93 -5.41
CA PHE A 232 -10.72 13.96 -6.38
C PHE A 232 -9.38 14.55 -6.01
N SER A 233 -8.54 14.79 -7.02
CA SER A 233 -7.26 15.47 -6.79
C SER A 233 -7.21 16.56 -7.84
N ARG A 234 -7.12 17.81 -7.40
CA ARG A 234 -7.12 18.94 -8.31
C ARG A 234 -5.89 19.79 -8.05
N PRO A 235 -4.70 19.36 -8.53
CA PRO A 235 -3.52 20.24 -8.33
C PRO A 235 -3.64 21.54 -9.16
N ASP A 236 -4.43 21.52 -10.24
CA ASP A 236 -4.73 22.75 -10.95
C ASP A 236 -5.42 23.81 -10.09
N SER A 237 -6.46 23.43 -9.35
CA SER A 237 -7.14 24.31 -8.42
C SER A 237 -6.18 24.86 -7.35
N LEU A 238 -5.34 24.00 -6.78
CA LEU A 238 -4.37 24.41 -5.78
C LEU A 238 -3.49 25.54 -6.32
N VAL A 239 -2.90 25.32 -7.49
CA VAL A 239 -2.04 26.31 -8.18
C VAL A 239 -2.79 27.60 -8.51
N HIS A 240 -3.97 27.47 -9.12
CA HIS A 240 -4.70 28.67 -9.52
C HIS A 240 -5.14 29.45 -8.29
N HIS A 241 -5.66 28.75 -7.29
CA HIS A 241 -6.25 29.41 -6.13
C HIS A 241 -5.19 30.19 -5.35
N TYR A 242 -4.07 29.55 -5.05
CA TYR A 242 -3.03 30.24 -4.30
C TYR A 242 -2.34 31.34 -5.10
N SER A 243 -2.20 31.16 -6.42
CA SER A 243 -1.74 32.25 -7.31
C SER A 243 -2.70 33.48 -7.27
N LYS A 244 -4.00 33.21 -7.37
CA LYS A 244 -4.98 34.31 -7.30
C LYS A 244 -5.01 34.99 -5.91
N VAL A 245 -4.93 34.20 -4.85
CA VAL A 245 -4.87 34.79 -3.51
C VAL A 245 -3.61 35.66 -3.35
N LYS A 246 -2.47 35.19 -3.87
CA LYS A 246 -1.25 36.00 -3.80
C LYS A 246 -1.39 37.31 -4.56
N ALA A 247 -2.03 37.26 -5.73
CA ALA A 247 -2.28 38.47 -6.53
C ALA A 247 -3.16 39.46 -5.72
N GLU A 248 -4.21 38.95 -5.10
CA GLU A 248 -5.08 39.81 -4.26
C GLU A 248 -4.35 40.40 -3.04
N LEU A 249 -3.47 39.63 -2.44
CA LEU A 249 -2.69 40.11 -1.29
C LEU A 249 -1.79 41.31 -1.75
N ILE A 250 -1.19 41.16 -2.93
CA ILE A 250 -0.32 42.23 -3.49
C ILE A 250 -1.19 43.45 -3.81
N LYS A 251 -2.34 43.20 -4.43
CA LYS A 251 -3.25 44.28 -4.79
C LYS A 251 -3.63 45.14 -3.58
N ARG A 252 -3.92 44.47 -2.46
CA ARG A 252 -4.47 45.14 -1.27
C ARG A 252 -3.43 45.54 -0.22
N SER A 253 -2.16 45.41 -0.55
CA SER A 253 -1.03 45.63 0.36
C SER A 253 -1.11 46.89 1.21
N SER A 254 -1.22 48.06 0.59
CA SER A 254 -1.21 49.31 1.36
C SER A 254 -2.53 49.49 2.15
N GLU A 255 -3.65 49.09 1.53
CA GLU A 255 -4.99 49.17 2.11
C GLU A 255 -5.11 48.39 3.46
N ILE A 256 -4.37 47.30 3.60
CA ILE A 256 -4.49 46.41 4.77
C ILE A 256 -3.31 46.55 5.74
N ALA A 257 -2.35 47.40 5.42
CA ALA A 257 -1.03 47.37 6.10
C ALA A 257 -1.08 47.77 7.59
N SER A 258 -2.15 48.47 7.98
CA SER A 258 -2.30 48.80 9.41
C SER A 258 -2.64 47.56 10.29
N PHE A 259 -3.33 46.58 9.71
CA PHE A 259 -3.80 45.43 10.49
C PHE A 259 -3.26 44.10 9.97
N CYS A 260 -2.74 44.08 8.74
CA CYS A 260 -1.95 42.94 8.23
C CYS A 260 -0.56 43.54 7.91
N SER A 261 0.36 43.44 8.88
CA SER A 261 1.59 44.22 8.85
C SER A 261 2.44 43.90 7.59
N PRO A 262 3.37 44.82 7.19
CA PRO A 262 4.32 44.46 6.14
C PRO A 262 5.06 43.14 6.37
N GLU A 263 5.50 42.87 7.59
CA GLU A 263 6.21 41.62 7.86
C GLU A 263 5.27 40.42 7.73
N PHE A 264 4.05 40.58 8.21
CA PHE A 264 3.07 39.52 8.04
C PHE A 264 2.85 39.22 6.54
N GLN A 265 2.72 40.28 5.74
CA GLN A 265 2.42 40.14 4.32
C GLN A 265 3.51 39.37 3.62
N ALA A 266 4.76 39.71 3.95
CA ALA A 266 5.90 39.04 3.35
C ALA A 266 5.88 37.54 3.70
N ASN A 267 5.60 37.19 4.96
CA ASN A 267 5.49 35.79 5.41
C ASN A 267 4.34 35.04 4.74
N MSE A 268 3.19 35.70 4.64
CA MSE A 268 2.04 35.08 3.92
C MSE A 268 2.38 34.78 2.45
O MSE A 268 2.11 33.69 1.96
CB MSE A 268 0.79 35.96 3.98
CG MSE A 268 -0.47 35.16 3.47
SE MSE A 268 -2.09 36.13 3.71
CE MSE A 268 -3.18 35.03 2.54
N LYS A 269 2.90 35.79 1.75
CA LYS A 269 3.33 35.66 0.35
C LYS A 269 4.32 34.49 0.16
N ARG A 270 5.30 34.38 1.06
CA ARG A 270 6.22 33.24 0.98
C ARG A 270 5.49 31.90 1.09
N GLY A 271 4.60 31.77 2.09
CA GLY A 271 3.78 30.56 2.24
C GLY A 271 2.94 30.26 1.01
N LEU A 272 2.33 31.29 0.44
CA LEU A 272 1.56 31.13 -0.81
C LEU A 272 2.46 30.57 -1.92
N GLU A 273 3.64 31.16 -2.07
CA GLU A 273 4.58 30.71 -3.10
C GLU A 273 4.92 29.22 -2.94
N HIS A 274 5.02 28.75 -1.69
CA HIS A 274 5.35 27.34 -1.40
C HIS A 274 4.23 26.42 -1.88
N TRP A 275 2.97 26.81 -1.66
CA TRP A 275 1.86 26.01 -2.15
C TRP A 275 1.89 25.96 -3.67
N ILE A 276 2.09 27.10 -4.30
CA ILE A 276 2.08 27.21 -5.78
C ILE A 276 3.21 26.33 -6.34
N GLU A 277 4.42 26.54 -5.84
CA GLU A 277 5.59 25.78 -6.28
C GLU A 277 5.39 24.28 -6.09
N GLY A 278 4.88 23.85 -4.92
CA GLY A 278 4.62 22.44 -4.65
C GLY A 278 3.57 21.82 -5.60
N GLY A 279 2.55 22.62 -5.93
CA GLY A 279 1.55 22.24 -6.90
C GLY A 279 2.15 22.02 -8.26
N ARG A 280 2.92 22.99 -8.74
CA ARG A 280 3.57 22.90 -10.05
C ARG A 280 4.60 21.82 -10.12
N ALA A 281 5.20 21.46 -8.98
CA ALA A 281 6.23 20.41 -8.90
C ALA A 281 5.65 19.01 -8.77
N GLY A 282 4.33 18.90 -8.72
CA GLY A 282 3.66 17.62 -8.53
C GLY A 282 3.83 17.04 -7.15
N LYS A 283 4.14 17.87 -6.15
CA LYS A 283 4.26 17.39 -4.77
C LYS A 283 2.97 17.59 -3.94
N LEU A 284 2.19 18.60 -4.28
CA LEU A 284 1.04 19.02 -3.49
C LEU A 284 -0.21 19.04 -4.33
N THR A 285 -1.34 18.83 -3.70
CA THR A 285 -2.62 18.88 -4.43
C THR A 285 -3.75 19.40 -3.55
N TRP A 286 -4.92 19.60 -4.15
CA TRP A 286 -6.11 19.91 -3.36
C TRP A 286 -7.01 18.71 -3.51
N GLY A 287 -7.25 18.01 -2.40
CA GLY A 287 -7.97 16.74 -2.39
C GLY A 287 -9.41 16.91 -2.02
N GLY A 288 -10.26 16.03 -2.51
CA GLY A 288 -11.68 16.03 -2.12
C GLY A 288 -12.07 14.56 -1.94
N MSE A 289 -12.92 14.26 -0.95
CA MSE A 289 -13.35 12.89 -0.72
C MSE A 289 -14.76 12.79 -0.15
O MSE A 289 -15.19 13.66 0.58
CB MSE A 289 -12.43 12.17 0.25
CG MSE A 289 -10.95 12.49 0.05
SE MSE A 289 -9.74 11.78 1.37
CE MSE A 289 -9.81 9.86 0.92
N LEU A 290 -15.45 11.70 -0.47
CA LEU A 290 -16.70 11.39 0.21
C LEU A 290 -16.61 10.00 0.79
N PHE A 291 -17.12 9.86 2.00
CA PHE A 291 -17.10 8.61 2.73
C PHE A 291 -18.51 8.28 3.15
N ARG A 292 -18.78 6.99 3.37
CA ARG A 292 -20.00 6.61 4.05
C ARG A 292 -19.69 5.72 5.24
N LYS A 293 -20.40 5.92 6.34
CA LYS A 293 -20.30 5.03 7.50
C LYS A 293 -21.02 3.68 7.24
N SER A 294 -20.28 2.75 6.63
CA SER A 294 -20.77 1.41 6.28
C SER A 294 -19.55 0.59 5.93
N ASP A 295 -19.70 -0.72 6.00
CA ASP A 295 -18.65 -1.68 5.71
C ASP A 295 -18.29 -1.65 4.23
N LYS A 296 -19.28 -1.43 3.36
CA LYS A 296 -19.09 -1.54 1.90
C LYS A 296 -19.75 -0.48 1.06
N ILE A 297 -19.07 -0.23 -0.08
CA ILE A 297 -19.48 0.39 -1.38
CA ILE A 297 -19.51 0.49 -1.32
C ILE A 297 -18.41 1.35 -1.97
N ILE B 25 -10.63 -17.07 -32.70
CA ILE B 25 -10.69 -15.77 -31.96
C ILE B 25 -11.59 -15.87 -30.73
N TYR B 26 -11.99 -14.73 -30.18
CA TYR B 26 -13.08 -14.67 -29.22
C TYR B 26 -14.04 -13.51 -29.48
N TYR B 27 -15.30 -13.72 -29.14
CA TYR B 27 -16.35 -12.90 -29.65
C TYR B 27 -17.06 -12.18 -28.55
N ASP B 28 -16.49 -12.17 -27.34
CA ASP B 28 -17.18 -11.55 -26.19
C ASP B 28 -17.40 -10.09 -26.35
N ASP B 29 -16.41 -9.37 -26.91
CA ASP B 29 -16.58 -7.93 -27.08
C ASP B 29 -17.60 -7.66 -28.17
N ASP B 30 -17.53 -8.41 -29.27
CA ASP B 30 -18.57 -8.34 -30.29
C ASP B 30 -19.98 -8.53 -29.72
N ASP B 31 -20.19 -9.62 -28.98
CA ASP B 31 -21.50 -9.93 -28.45
C ASP B 31 -21.95 -8.98 -27.34
N SER B 32 -20.99 -8.47 -26.56
CA SER B 32 -21.28 -7.34 -25.67
C SER B 32 -21.85 -6.13 -26.42
N ASP B 33 -21.18 -5.72 -27.49
CA ASP B 33 -21.73 -4.70 -28.37
C ASP B 33 -23.14 -5.01 -28.86
N ARG B 34 -23.41 -6.28 -29.18
CA ARG B 34 -24.75 -6.63 -29.67
C ARG B 34 -25.79 -6.36 -28.61
N PHE B 35 -25.45 -6.76 -27.39
CA PHE B 35 -26.32 -6.56 -26.24
C PHE B 35 -26.54 -5.08 -25.98
N TYR B 36 -25.49 -4.25 -25.99
CA TYR B 36 -25.65 -2.82 -25.71
C TYR B 36 -26.50 -2.14 -26.79
N PHE B 37 -26.31 -2.60 -28.03
CA PHE B 37 -27.05 -2.03 -29.15
C PHE B 37 -28.51 -2.47 -29.11
N HIS B 38 -28.75 -3.72 -28.74
CA HIS B 38 -30.11 -4.19 -28.62
C HIS B 38 -30.92 -3.35 -27.59
N VAL B 39 -30.33 -3.12 -26.43
CA VAL B 39 -31.02 -2.37 -25.38
C VAL B 39 -31.07 -0.85 -25.62
N TRP B 40 -29.95 -0.23 -25.93
CA TRP B 40 -29.92 1.22 -25.97
C TRP B 40 -29.91 1.85 -27.36
N GLY B 41 -30.02 1.02 -28.39
CA GLY B 41 -29.94 1.50 -29.77
C GLY B 41 -28.56 2.07 -29.99
N GLY B 42 -28.43 3.01 -30.92
CA GLY B 42 -27.15 3.66 -31.18
C GLY B 42 -26.89 4.84 -30.27
N GLU B 43 -27.41 4.72 -29.05
CA GLU B 43 -27.21 5.67 -27.96
C GLU B 43 -26.01 5.09 -27.19
N ASP B 44 -24.98 5.91 -26.93
CA ASP B 44 -23.79 5.37 -26.31
C ASP B 44 -23.92 5.41 -24.79
N ILE B 45 -23.65 4.29 -24.14
CA ILE B 45 -23.74 4.17 -22.70
C ILE B 45 -22.30 4.03 -22.15
N HIS B 46 -21.96 4.84 -21.13
CA HIS B 46 -20.70 4.65 -20.44
C HIS B 46 -21.00 4.66 -18.95
N VAL B 47 -19.96 4.45 -18.15
CA VAL B 47 -20.17 4.36 -16.72
C VAL B 47 -20.83 5.65 -16.21
N GLY B 48 -21.91 5.50 -15.48
CA GLY B 48 -22.75 6.66 -15.10
C GLY B 48 -22.45 7.22 -13.72
N LEU B 49 -23.02 8.40 -13.46
CA LEU B 49 -23.07 9.04 -12.16
C LEU B 49 -24.50 8.88 -11.63
N TYR B 50 -24.65 8.10 -10.59
CA TYR B 50 -25.96 7.64 -10.13
C TYR B 50 -26.42 8.42 -8.90
N LYS B 51 -27.72 8.66 -8.81
CA LYS B 51 -28.35 9.43 -7.75
C LYS B 51 -29.11 8.48 -6.84
N GLU B 52 -28.93 8.61 -5.54
CA GLU B 52 -29.71 7.79 -4.62
C GLU B 52 -31.19 8.18 -4.63
N PRO B 53 -32.09 7.19 -4.51
CA PRO B 53 -31.78 5.75 -4.41
C PRO B 53 -31.46 5.16 -5.78
N VAL B 54 -30.35 4.43 -5.85
CA VAL B 54 -29.82 3.99 -7.12
C VAL B 54 -30.75 2.98 -7.82
N ASP B 55 -31.43 2.15 -7.03
CA ASP B 55 -32.37 1.16 -7.57
C ASP B 55 -33.39 1.78 -8.54
N GLN B 56 -33.83 3.00 -8.23
CA GLN B 56 -34.82 3.70 -9.06
C GLN B 56 -34.20 4.58 -10.16
N ASP B 57 -32.88 4.76 -10.14
CA ASP B 57 -32.16 5.54 -11.14
C ASP B 57 -32.03 4.72 -12.43
N GLU B 58 -31.87 5.38 -13.57
CA GLU B 58 -31.78 4.66 -14.85
C GLU B 58 -30.41 4.85 -15.44
N ILE B 59 -29.88 3.77 -16.02
CA ILE B 59 -28.55 3.78 -16.65
C ILE B 59 -28.43 4.92 -17.68
N ARG B 60 -29.44 5.09 -18.53
CA ARG B 60 -29.36 6.12 -19.58
C ARG B 60 -29.18 7.55 -19.00
N GLU B 61 -29.99 7.88 -18.00
CA GLU B 61 -29.89 9.14 -17.30
C GLU B 61 -28.54 9.30 -16.58
N ALA B 62 -28.06 8.24 -15.91
CA ALA B 62 -26.75 8.31 -15.21
C ALA B 62 -25.56 8.50 -16.18
N SER B 63 -25.60 7.79 -17.32
CA SER B 63 -24.64 8.03 -18.40
C SER B 63 -24.65 9.49 -18.92
N LEU B 64 -25.85 10.08 -19.09
CA LEU B 64 -25.95 11.47 -19.51
C LEU B 64 -25.29 12.38 -18.50
N ARG B 65 -25.41 12.02 -17.22
CA ARG B 65 -24.87 12.81 -16.11
C ARG B 65 -23.35 12.81 -16.19
N THR B 66 -22.76 11.65 -16.52
CA THR B 66 -21.36 11.54 -16.75
C THR B 66 -20.91 12.47 -17.89
N ASP B 67 -21.65 12.44 -19.02
CA ASP B 67 -21.34 13.30 -20.18
C ASP B 67 -21.33 14.79 -19.82
N GLU B 68 -22.38 15.18 -19.09
CA GLU B 68 -22.52 16.56 -18.62
C GLU B 68 -21.39 16.94 -17.69
N TRP B 69 -21.09 16.04 -16.75
CA TRP B 69 -20.00 16.28 -15.80
C TRP B 69 -18.66 16.44 -16.50
N LEU B 70 -18.30 15.48 -17.36
CA LEU B 70 -17.00 15.52 -18.03
C LEU B 70 -16.90 16.72 -18.95
N ALA B 71 -17.98 17.02 -19.66
CA ALA B 71 -18.02 18.23 -20.51
C ALA B 71 -17.84 19.52 -19.67
N SER B 72 -18.47 19.57 -18.50
CA SER B 72 -18.33 20.75 -17.66
C SER B 72 -16.90 20.93 -17.11
N GLU B 73 -16.27 19.80 -16.72
CA GLU B 73 -14.86 19.84 -16.29
C GLU B 73 -14.02 20.37 -17.46
N LEU B 74 -14.22 19.81 -18.64
CA LEU B 74 -13.45 20.19 -19.81
C LEU B 74 -13.66 21.68 -20.16
N ALA B 75 -14.93 22.15 -20.16
CA ALA B 75 -15.26 23.55 -20.39
C ALA B 75 -14.43 24.54 -19.55
N MSE B 76 -14.14 24.17 -18.30
CA MSE B 76 -13.45 25.05 -17.35
C MSE B 76 -12.03 25.36 -17.81
O MSE B 76 -11.49 26.42 -17.46
CB MSE B 76 -13.45 24.45 -15.95
CG MSE B 76 -14.89 24.32 -15.39
SE MSE B 76 -15.59 25.99 -14.85
CE MSE B 76 -14.59 26.09 -13.24
N THR B 77 -11.42 24.46 -18.60
CA THR B 77 -10.04 24.62 -19.07
C THR B 77 -10.01 25.56 -20.27
N GLY B 78 -11.19 25.91 -20.77
CA GLY B 78 -11.32 26.92 -21.81
C GLY B 78 -11.24 26.43 -23.25
N VAL B 79 -11.07 25.11 -23.44
CA VAL B 79 -10.85 24.58 -24.80
C VAL B 79 -12.11 24.42 -25.63
N LEU B 80 -13.28 24.54 -24.99
CA LEU B 80 -14.56 24.26 -25.66
C LEU B 80 -15.20 25.53 -26.22
N GLN B 81 -14.37 26.30 -26.92
CA GLN B 81 -14.79 27.50 -27.64
C GLN B 81 -15.54 27.10 -28.91
N ARG B 82 -16.46 27.97 -29.35
CA ARG B 82 -17.11 27.76 -30.64
C ARG B 82 -16.07 27.58 -31.71
N GLN B 83 -16.31 26.62 -32.61
CA GLN B 83 -15.36 26.26 -33.67
C GLN B 83 -14.07 25.54 -33.21
N ALA B 84 -13.88 25.29 -31.90
CA ALA B 84 -12.71 24.47 -31.49
C ALA B 84 -12.80 23.07 -32.08
N LYS B 85 -11.64 22.43 -32.30
CA LYS B 85 -11.56 21.12 -32.94
C LYS B 85 -11.21 20.06 -31.91
N GLY B 86 -12.14 19.12 -31.78
CA GLY B 86 -11.97 18.01 -30.88
C GLY B 86 -11.82 16.67 -31.57
N LEU B 87 -11.15 15.75 -30.88
CA LEU B 87 -11.05 14.38 -31.35
C LEU B 87 -11.72 13.46 -30.35
N ASP B 88 -12.69 12.67 -30.83
CA ASP B 88 -13.31 11.66 -29.95
C ASP B 88 -12.70 10.28 -30.17
N LEU B 89 -11.89 9.83 -29.22
CA LEU B 89 -11.20 8.54 -29.32
C LEU B 89 -12.06 7.40 -28.73
N GLY B 90 -12.56 6.50 -29.57
CA GLY B 90 -13.47 5.44 -29.16
C GLY B 90 -14.87 6.04 -29.16
N ALA B 91 -15.26 6.60 -30.31
CA ALA B 91 -16.46 7.43 -30.41
C ALA B 91 -17.77 6.64 -30.41
N GLY B 92 -17.71 5.32 -30.59
CA GLY B 92 -18.96 4.51 -30.57
C GLY B 92 -19.90 4.95 -31.68
N TYR B 93 -21.15 5.28 -31.33
CA TYR B 93 -22.16 5.72 -32.30
C TYR B 93 -22.20 7.23 -32.49
N GLY B 94 -21.31 7.93 -31.78
CA GLY B 94 -21.13 9.37 -31.96
C GLY B 94 -21.97 10.23 -31.04
N GLY B 95 -22.54 9.61 -29.99
CA GLY B 95 -23.48 10.29 -29.12
C GLY B 95 -22.87 11.49 -28.40
N ALA B 96 -21.68 11.32 -27.85
CA ALA B 96 -20.99 12.39 -27.16
C ALA B 96 -20.61 13.47 -28.15
N ALA B 97 -20.19 13.09 -29.36
CA ALA B 97 -19.86 14.09 -30.41
C ALA B 97 -21.04 15.00 -30.68
N ARG B 98 -22.22 14.41 -30.87
CA ARG B 98 -23.40 15.21 -31.16
C ARG B 98 -23.77 16.08 -29.95
N PHE B 99 -23.62 15.52 -28.75
CA PHE B 99 -23.88 16.26 -27.50
C PHE B 99 -23.00 17.52 -27.38
N LEU B 100 -21.69 17.35 -27.65
CA LEU B 100 -20.71 18.43 -27.62
C LEU B 100 -20.94 19.49 -28.69
N VAL B 101 -21.22 19.04 -29.91
CA VAL B 101 -21.48 19.97 -31.00
C VAL B 101 -22.67 20.85 -30.69
N ARG B 102 -23.75 20.24 -30.19
CA ARG B 102 -24.98 20.97 -29.94
C ARG B 102 -24.82 21.93 -28.77
N LYS B 103 -24.14 21.49 -27.70
CA LYS B 103 -23.93 22.30 -26.52
C LYS B 103 -22.92 23.45 -26.70
N PHE B 104 -21.80 23.19 -27.38
CA PHE B 104 -20.69 24.12 -27.40
C PHE B 104 -20.34 24.68 -28.79
N GLY B 105 -20.85 24.05 -29.84
CA GLY B 105 -20.58 24.51 -31.22
C GLY B 105 -19.16 24.21 -31.70
N VAL B 106 -18.54 23.20 -31.07
CA VAL B 106 -17.25 22.68 -31.51
C VAL B 106 -17.39 21.80 -32.76
N SER B 107 -16.28 21.40 -33.37
CA SER B 107 -16.32 20.37 -34.39
CA SER B 107 -16.27 20.38 -34.40
C SER B 107 -15.64 19.13 -33.82
N ILE B 108 -16.08 17.95 -34.27
CA ILE B 108 -15.56 16.71 -33.67
C ILE B 108 -15.17 15.72 -34.75
N ASP B 109 -13.93 15.24 -34.72
CA ASP B 109 -13.52 14.07 -35.48
C ASP B 109 -13.67 12.84 -34.60
N CYS B 110 -14.50 11.89 -35.04
CA CYS B 110 -14.70 10.64 -34.33
C CYS B 110 -13.74 9.58 -34.85
N LEU B 111 -13.09 8.87 -33.94
CA LEU B 111 -12.20 7.78 -34.31
C LEU B 111 -12.69 6.52 -33.63
N ASN B 112 -12.87 5.47 -34.42
CA ASN B 112 -13.45 4.23 -33.93
C ASN B 112 -13.11 3.05 -34.86
N ILE B 113 -12.70 1.95 -34.24
CA ILE B 113 -12.20 0.77 -34.97
C ILE B 113 -13.31 -0.06 -35.61
N ALA B 114 -14.58 0.24 -35.28
CA ALA B 114 -15.74 -0.60 -35.68
C ALA B 114 -16.58 0.00 -36.80
N PRO B 115 -16.41 -0.50 -38.04
CA PRO B 115 -17.09 0.01 -39.26
C PRO B 115 -18.61 0.11 -39.18
N VAL B 116 -19.27 -0.87 -38.55
CA VAL B 116 -20.72 -0.81 -38.36
C VAL B 116 -21.14 0.41 -37.53
N GLN B 117 -20.46 0.60 -36.41
CA GLN B 117 -20.70 1.77 -35.57
C GLN B 117 -20.45 3.05 -36.36
N ASN B 118 -19.36 3.07 -37.13
CA ASN B 118 -19.01 4.22 -37.96
C ASN B 118 -20.13 4.59 -38.95
N LYS B 119 -20.70 3.59 -39.61
CA LYS B 119 -21.78 3.81 -40.60
C LYS B 119 -23.00 4.44 -39.96
N ARG B 120 -23.44 3.87 -38.83
CA ARG B 120 -24.56 4.40 -38.04
C ARG B 120 -24.30 5.79 -37.49
N ASN B 121 -23.13 6.01 -36.88
CA ASN B 121 -22.70 7.36 -36.48
C ASN B 121 -22.96 8.36 -37.64
N GLU B 122 -22.39 8.10 -38.82
CA GLU B 122 -22.59 8.99 -39.98
C GLU B 122 -24.05 9.16 -40.35
N GLU B 123 -24.80 8.06 -40.37
CA GLU B 123 -26.27 8.09 -40.55
C GLU B 123 -26.92 9.03 -39.52
N TYR B 124 -26.59 8.86 -38.24
CA TYR B 124 -27.16 9.71 -37.19
C TYR B 124 -26.80 11.18 -37.37
N ASN B 125 -25.56 11.47 -37.75
CA ASN B 125 -25.13 12.86 -37.97
C ASN B 125 -25.89 13.53 -39.12
N ASN B 126 -26.01 12.80 -40.23
CA ASN B 126 -26.81 13.23 -41.38
C ASN B 126 -28.25 13.57 -40.98
N GLN B 127 -28.92 12.63 -40.31
CA GLN B 127 -30.29 12.79 -39.81
C GLN B 127 -30.43 14.03 -38.91
N ALA B 128 -29.44 14.24 -38.06
CA ALA B 128 -29.40 15.41 -37.18
C ALA B 128 -29.00 16.72 -37.87
N GLY B 129 -28.53 16.65 -39.12
CA GLY B 129 -28.03 17.85 -39.81
C GLY B 129 -26.72 18.38 -39.20
N LEU B 130 -25.92 17.46 -38.65
CA LEU B 130 -24.67 17.83 -38.00
C LEU B 130 -23.43 17.32 -38.75
N ALA B 131 -23.62 16.84 -39.98
CA ALA B 131 -22.52 16.21 -40.73
C ALA B 131 -21.40 17.19 -41.11
N ASP B 132 -21.68 18.49 -41.16
CA ASP B 132 -20.65 19.48 -41.43
C ASP B 132 -19.78 19.75 -40.21
N ASN B 133 -20.19 19.22 -39.06
CA ASN B 133 -19.47 19.47 -37.79
C ASN B 133 -18.82 18.22 -37.21
N ILE B 134 -19.19 17.06 -37.73
CA ILE B 134 -18.69 15.78 -37.21
C ILE B 134 -18.19 14.93 -38.37
N THR B 135 -16.93 14.53 -38.31
CA THR B 135 -16.35 13.61 -39.28
C THR B 135 -16.10 12.30 -38.57
N VAL B 136 -16.46 11.21 -39.22
CA VAL B 136 -16.31 9.88 -38.66
C VAL B 136 -15.18 9.18 -39.36
N LYS B 137 -14.16 8.80 -38.61
CA LYS B 137 -12.93 8.29 -39.21
C LYS B 137 -12.69 6.88 -38.70
N TYR B 138 -12.31 5.99 -39.61
CA TYR B 138 -11.86 4.65 -39.22
C TYR B 138 -10.40 4.68 -38.77
N GLY B 139 -10.11 4.01 -37.65
CA GLY B 139 -8.74 3.74 -37.33
C GLY B 139 -8.45 3.40 -35.88
N SER B 140 -7.16 3.37 -35.59
CA SER B 140 -6.64 2.87 -34.32
C SER B 140 -6.05 3.99 -33.48
N PHE B 141 -6.20 3.91 -32.16
CA PHE B 141 -5.54 4.82 -31.21
C PHE B 141 -4.03 4.79 -31.34
N LEU B 142 -3.49 3.67 -31.85
CA LEU B 142 -2.03 3.48 -31.99
C LEU B 142 -1.47 4.20 -33.21
N GLU B 143 -2.36 4.62 -34.09
CA GLU B 143 -1.98 5.24 -35.34
C GLU B 143 -3.09 6.21 -35.74
N ILE B 144 -3.25 7.28 -34.98
CA ILE B 144 -4.27 8.29 -35.28
C ILE B 144 -4.05 8.96 -36.65
N PRO B 145 -5.02 8.80 -37.58
CA PRO B 145 -4.84 9.24 -38.99
C PRO B 145 -5.04 10.74 -39.13
N CYS B 146 -4.21 11.52 -38.44
CA CYS B 146 -4.38 12.96 -38.36
CA CYS B 146 -4.34 12.96 -38.50
C CYS B 146 -3.01 13.62 -38.20
N GLU B 147 -2.89 14.91 -38.55
CA GLU B 147 -1.63 15.66 -38.42
C GLU B 147 -1.27 15.88 -36.93
N ASP B 148 0.04 16.02 -36.64
CA ASP B 148 0.48 16.53 -35.34
C ASP B 148 -0.20 17.89 -35.12
N ASN B 149 -0.42 18.23 -33.84
CA ASN B 149 -0.91 19.56 -33.44
C ASN B 149 -2.19 19.93 -34.19
N SER B 150 -3.14 19.02 -34.22
CA SER B 150 -4.41 19.24 -34.90
C SER B 150 -5.55 19.66 -33.98
N TYR B 151 -5.53 19.18 -32.73
CA TYR B 151 -6.73 19.26 -31.91
C TYR B 151 -6.59 20.19 -30.74
N ASP B 152 -7.62 21.01 -30.54
CA ASP B 152 -7.80 21.75 -29.29
C ASP B 152 -8.06 20.86 -28.07
N PHE B 153 -8.81 19.75 -28.26
CA PHE B 153 -9.11 18.81 -27.16
C PHE B 153 -9.28 17.39 -27.70
N ILE B 154 -9.11 16.43 -26.78
CA ILE B 154 -9.47 15.02 -26.95
C ILE B 154 -10.48 14.63 -25.87
N TRP B 155 -11.44 13.79 -26.27
CA TRP B 155 -12.50 13.32 -25.42
C TRP B 155 -12.38 11.82 -25.58
N SER B 156 -12.19 11.10 -24.49
CA SER B 156 -12.18 9.64 -24.58
C SER B 156 -12.85 9.01 -23.39
N GLN B 157 -13.96 8.32 -23.63
CA GLN B 157 -14.73 7.75 -22.54
C GLN B 157 -14.66 6.23 -22.53
N ASP B 158 -13.99 5.67 -21.53
CA ASP B 158 -13.95 4.22 -21.25
C ASP B 158 -13.47 3.43 -22.46
N ALA B 159 -12.56 4.02 -23.22
CA ALA B 159 -11.95 3.35 -24.36
C ALA B 159 -10.52 2.80 -24.16
N PHE B 160 -9.73 3.43 -23.30
CA PHE B 160 -8.33 3.01 -23.11
C PHE B 160 -8.23 1.61 -22.49
N LEU B 161 -9.21 1.20 -21.68
CA LEU B 161 -9.23 -0.16 -21.08
C LEU B 161 -8.88 -1.28 -22.06
N HIS B 162 -9.39 -1.17 -23.26
CA HIS B 162 -9.23 -2.13 -24.36
C HIS B 162 -7.96 -1.97 -25.24
N SER B 163 -7.07 -1.02 -24.94
CA SER B 163 -5.78 -0.91 -25.66
C SER B 163 -4.66 -1.49 -24.83
N PRO B 164 -3.92 -2.48 -25.36
CA PRO B 164 -2.80 -3.02 -24.61
C PRO B 164 -1.69 -1.99 -24.38
N ASP B 165 -1.30 -1.30 -25.44
CA ASP B 165 -0.10 -0.46 -25.46
C ASP B 165 -0.47 0.94 -25.01
N LYS B 166 -0.44 1.16 -23.69
CA LYS B 166 -0.89 2.43 -23.09
C LYS B 166 0.07 3.59 -23.39
N LEU B 167 1.39 3.34 -23.36
CA LEU B 167 2.37 4.39 -23.70
C LEU B 167 2.09 4.92 -25.11
N LYS B 168 1.90 4.00 -26.07
CA LYS B 168 1.70 4.40 -27.45
C LYS B 168 0.43 5.21 -27.61
N VAL B 169 -0.67 4.81 -26.93
CA VAL B 169 -1.88 5.64 -26.91
C VAL B 169 -1.57 7.07 -26.44
N PHE B 170 -0.89 7.21 -25.31
CA PHE B 170 -0.52 8.56 -24.78
C PHE B 170 0.42 9.35 -25.73
N GLN B 171 1.36 8.65 -26.38
CA GLN B 171 2.25 9.30 -27.37
C GLN B 171 1.44 9.88 -28.54
N GLU B 172 0.52 9.06 -29.06
CA GLU B 172 -0.41 9.49 -30.10
C GLU B 172 -1.27 10.68 -29.67
N CYS B 173 -1.89 10.61 -28.49
CA CYS B 173 -2.67 11.73 -27.97
C CYS B 173 -1.87 13.03 -27.88
N ALA B 174 -0.68 12.96 -27.29
CA ALA B 174 0.16 14.12 -27.11
C ALA B 174 0.58 14.67 -28.48
N ARG B 175 0.87 13.77 -29.41
CA ARG B 175 1.27 14.19 -30.79
C ARG B 175 0.18 15.03 -31.46
N VAL B 176 -1.09 14.61 -31.39
CA VAL B 176 -2.16 15.25 -32.18
C VAL B 176 -2.84 16.43 -31.45
N LEU B 177 -2.66 16.52 -30.13
CA LEU B 177 -3.01 17.73 -29.40
C LEU B 177 -2.17 18.91 -29.82
N LYS B 178 -2.79 20.08 -30.01
CA LYS B 178 -2.03 21.36 -30.16
C LYS B 178 -1.35 21.68 -28.82
N PRO B 179 -0.30 22.56 -28.83
CA PRO B 179 0.21 23.05 -27.55
C PRO B 179 -0.94 23.64 -26.73
N ARG B 180 -0.97 23.33 -25.42
CA ARG B 180 -2.02 23.79 -24.51
C ARG B 180 -3.38 23.09 -24.74
N GLY B 181 -3.44 22.13 -25.66
CA GLY B 181 -4.67 21.36 -25.83
C GLY B 181 -4.92 20.47 -24.61
N VAL B 182 -6.18 20.13 -24.36
CA VAL B 182 -6.56 19.39 -23.18
C VAL B 182 -7.20 18.07 -23.56
N MSE B 183 -6.81 16.99 -22.89
CA MSE B 183 -7.53 15.74 -23.04
C MSE B 183 -8.37 15.42 -21.79
O MSE B 183 -7.85 15.49 -20.63
CB MSE B 183 -6.54 14.61 -23.32
CG MSE B 183 -7.21 13.21 -23.34
SE MSE B 183 -6.19 11.86 -24.26
CE MSE B 183 -4.73 11.76 -23.08
N ALA B 184 -9.63 15.05 -21.98
CA ALA B 184 -10.44 14.53 -20.87
C ALA B 184 -10.67 13.07 -21.14
N ILE B 185 -10.38 12.21 -20.18
CA ILE B 185 -10.59 10.76 -20.39
C ILE B 185 -11.24 10.17 -19.16
N THR B 186 -11.97 9.09 -19.37
CA THR B 186 -12.50 8.27 -18.30
C THR B 186 -12.16 6.82 -18.66
N ASP B 187 -11.99 5.97 -17.65
CA ASP B 187 -11.69 4.55 -17.94
C ASP B 187 -11.97 3.69 -16.70
N PRO B 188 -12.66 2.53 -16.87
CA PRO B 188 -12.61 1.56 -15.77
C PRO B 188 -11.14 1.17 -15.58
N MSE B 189 -10.75 0.97 -14.34
CA MSE B 189 -9.37 0.72 -14.01
C MSE B 189 -9.19 0.01 -12.70
O MSE B 189 -10.14 -0.22 -11.95
CB MSE B 189 -8.52 2.01 -14.13
CG MSE B 189 -8.86 3.20 -13.24
SE MSE B 189 -7.91 4.92 -13.77
CE MSE B 189 -8.42 5.36 -15.30
N LYS B 190 -7.92 -0.33 -12.43
CA LYS B 190 -7.56 -0.85 -11.12
C LYS B 190 -7.07 0.31 -10.28
N GLU B 191 -7.15 0.13 -8.97
CA GLU B 191 -6.57 1.08 -8.03
C GLU B 191 -5.04 1.08 -8.08
N ASP B 192 -4.42 2.21 -7.77
CA ASP B 192 -2.98 2.22 -7.68
C ASP B 192 -2.50 1.19 -6.68
N GLY B 193 -1.42 0.50 -7.02
CA GLY B 193 -0.80 -0.44 -6.10
C GLY B 193 -1.38 -1.85 -6.18
N ILE B 194 -2.42 -2.05 -7.00
CA ILE B 194 -3.00 -3.37 -7.17
C ILE B 194 -2.28 -4.19 -8.25
N ASP B 195 -1.73 -5.35 -7.87
CA ASP B 195 -1.08 -6.24 -8.83
C ASP B 195 -2.04 -6.97 -9.75
N LYS B 196 -1.64 -7.14 -11.02
CA LYS B 196 -2.34 -8.03 -11.97
C LYS B 196 -2.83 -9.36 -11.33
N SER B 197 -2.00 -10.01 -10.51
CA SER B 197 -2.36 -11.31 -9.86
C SER B 197 -3.63 -11.21 -9.00
N SER B 198 -3.77 -10.07 -8.32
CA SER B 198 -4.96 -9.76 -7.51
C SER B 198 -6.25 -9.60 -8.29
N ILE B 199 -6.15 -9.27 -9.57
CA ILE B 199 -7.34 -9.08 -10.40
C ILE B 199 -7.43 -10.06 -11.58
N GLN B 200 -6.74 -11.19 -11.51
CA GLN B 200 -6.80 -12.17 -12.62
C GLN B 200 -8.22 -12.72 -12.97
N PRO B 201 -9.12 -12.98 -11.97
CA PRO B 201 -10.46 -13.44 -12.33
C PRO B 201 -11.19 -12.49 -13.26
N ILE B 202 -11.21 -11.17 -12.96
CA ILE B 202 -11.87 -10.23 -13.89
C ILE B 202 -11.18 -10.19 -15.25
N LEU B 203 -9.85 -10.14 -15.25
CA LEU B 203 -9.12 -10.11 -16.52
C LEU B 203 -9.43 -11.38 -17.38
N ASP B 204 -9.72 -12.51 -16.71
CA ASP B 204 -10.10 -13.75 -17.39
C ASP B 204 -11.47 -13.61 -18.07
N ARG B 205 -12.37 -12.91 -17.38
CA ARG B 205 -13.76 -12.74 -17.86
C ARG B 205 -13.92 -11.70 -18.95
N ILE B 206 -13.09 -10.65 -18.88
CA ILE B 206 -13.13 -9.59 -19.90
C ILE B 206 -12.02 -9.75 -20.91
N LYS B 207 -11.20 -10.79 -20.75
CA LYS B 207 -10.16 -11.10 -21.73
C LYS B 207 -9.21 -9.90 -21.98
N LEU B 208 -8.68 -9.39 -20.88
CA LEU B 208 -7.59 -8.41 -20.92
C LEU B 208 -6.35 -8.99 -20.17
N HIS B 209 -5.14 -8.56 -20.58
CA HIS B 209 -3.90 -8.89 -19.87
C HIS B 209 -3.78 -8.19 -18.54
N ASP B 210 -4.20 -6.92 -18.49
CA ASP B 210 -4.03 -6.06 -17.31
C ASP B 210 -4.87 -4.82 -17.54
N MSE B 211 -4.88 -3.91 -16.57
CA MSE B 211 -5.58 -2.68 -16.76
C MSE B 211 -4.77 -1.45 -16.32
O MSE B 211 -3.74 -1.57 -15.67
CB MSE B 211 -7.03 -2.74 -16.23
CG MSE B 211 -7.20 -3.18 -14.81
SE MSE B 211 -9.00 -3.11 -14.34
CE MSE B 211 -9.68 -4.81 -15.07
N GLY B 212 -5.25 -0.29 -16.75
CA GLY B 212 -4.63 0.98 -16.39
C GLY B 212 -4.97 1.32 -14.95
N SER B 213 -4.39 2.44 -14.49
CA SER B 213 -4.63 3.01 -13.17
C SER B 213 -4.29 4.51 -13.26
N LEU B 214 -4.77 5.28 -12.29
CA LEU B 214 -4.50 6.72 -12.28
C LEU B 214 -3.00 6.99 -12.24
N GLY B 215 -2.28 6.23 -11.41
CA GLY B 215 -0.82 6.37 -11.25
C GLY B 215 -0.08 6.10 -12.55
N LEU B 216 -0.40 4.97 -13.22
CA LEU B 216 0.21 4.68 -14.51
C LEU B 216 -0.08 5.75 -15.57
N TYR B 217 -1.35 6.11 -15.73
CA TYR B 217 -1.75 7.04 -16.76
C TYR B 217 -1.06 8.40 -16.54
N ARG B 218 -0.89 8.77 -15.27
CA ARG B 218 -0.27 10.03 -14.97
C ARG B 218 1.20 10.02 -15.39
N SER B 219 1.93 8.93 -15.06
CA SER B 219 3.36 8.90 -15.37
C SER B 219 3.61 8.82 -16.87
N LEU B 220 2.83 7.98 -17.55
CA LEU B 220 2.85 7.90 -19.02
C LEU B 220 2.56 9.23 -19.68
N ALA B 221 1.50 9.91 -19.24
CA ALA B 221 1.13 11.22 -19.80
C ALA B 221 2.29 12.17 -19.63
N LYS B 222 2.90 12.12 -18.44
CA LYS B 222 4.00 13.00 -18.14
C LYS B 222 5.21 12.74 -19.05
N GLU B 223 5.52 11.47 -19.29
CA GLU B 223 6.54 11.09 -20.28
C GLU B 223 6.33 11.69 -21.68
N CYS B 224 5.06 11.94 -22.02
CA CYS B 224 4.65 12.44 -23.33
C CYS B 224 4.40 13.92 -23.35
N GLY B 225 4.79 14.61 -22.29
CA GLY B 225 4.60 16.05 -22.22
C GLY B 225 3.17 16.50 -21.92
N LEU B 226 2.40 15.67 -21.20
CA LEU B 226 1.05 16.01 -20.75
C LEU B 226 1.04 16.12 -19.24
N VAL B 227 0.77 17.32 -18.75
CA VAL B 227 0.63 17.54 -17.31
C VAL B 227 -0.76 17.09 -16.82
N THR B 228 -0.83 16.41 -15.67
CA THR B 228 -2.10 16.09 -15.01
C THR B 228 -2.70 17.34 -14.37
N LEU B 229 -3.86 17.74 -14.85
CA LEU B 229 -4.60 18.86 -14.23
C LEU B 229 -5.43 18.45 -13.02
N ARG B 230 -6.11 17.32 -13.13
CA ARG B 230 -7.01 16.81 -12.07
C ARG B 230 -7.35 15.37 -12.38
N THR B 231 -7.67 14.62 -11.34
CA THR B 231 -8.07 13.22 -11.43
C THR B 231 -9.27 12.94 -10.53
N PHE B 232 -10.01 11.89 -10.90
CA PHE B 232 -11.20 11.46 -10.19
C PHE B 232 -11.18 9.97 -10.03
N SER B 233 -11.70 9.50 -8.91
CA SER B 233 -11.80 8.06 -8.68
C SER B 233 -13.14 7.80 -8.07
N ARG B 234 -13.97 7.08 -8.81
CA ARG B 234 -15.34 6.86 -8.36
C ARG B 234 -15.67 5.38 -8.30
N PRO B 235 -15.16 4.67 -7.28
CA PRO B 235 -15.51 3.28 -7.17
C PRO B 235 -17.01 3.07 -6.88
N ASP B 236 -17.67 4.04 -6.24
CA ASP B 236 -19.14 3.92 -6.09
C ASP B 236 -19.85 3.86 -7.47
N SER B 237 -19.43 4.72 -8.42
CA SER B 237 -20.04 4.68 -9.77
C SER B 237 -19.79 3.35 -10.47
N LEU B 238 -18.59 2.81 -10.31
CA LEU B 238 -18.24 1.52 -10.85
C LEU B 238 -19.23 0.42 -10.38
N VAL B 239 -19.46 0.39 -9.06
CA VAL B 239 -20.31 -0.59 -8.39
C VAL B 239 -21.76 -0.42 -8.80
N HIS B 240 -22.26 0.82 -8.75
CA HIS B 240 -23.62 1.12 -9.17
C HIS B 240 -23.85 0.78 -10.65
N HIS B 241 -22.94 1.21 -11.51
CA HIS B 241 -23.08 1.04 -12.92
C HIS B 241 -23.15 -0.41 -13.35
N TYR B 242 -22.16 -1.19 -12.95
CA TYR B 242 -22.12 -2.57 -13.38
C TYR B 242 -23.19 -3.43 -12.71
N SER B 243 -23.67 -3.01 -11.54
CA SER B 243 -24.85 -3.67 -10.92
C SER B 243 -26.04 -3.52 -11.80
N LYS B 244 -26.22 -2.30 -12.28
CA LYS B 244 -27.33 -1.96 -13.16
C LYS B 244 -27.24 -2.69 -14.50
N VAL B 245 -26.04 -2.74 -15.08
CA VAL B 245 -25.83 -3.42 -16.34
C VAL B 245 -26.17 -4.92 -16.17
N LYS B 246 -25.70 -5.54 -15.10
CA LYS B 246 -26.04 -6.95 -14.78
C LYS B 246 -27.56 -7.23 -14.69
N ALA B 247 -28.29 -6.40 -13.93
CA ALA B 247 -29.75 -6.49 -13.89
C ALA B 247 -30.40 -6.40 -15.28
N GLU B 248 -29.97 -5.44 -16.10
CA GLU B 248 -30.51 -5.34 -17.46
C GLU B 248 -30.19 -6.58 -18.30
N LEU B 249 -28.93 -7.04 -18.25
CA LEU B 249 -28.52 -8.28 -18.94
C LEU B 249 -29.40 -9.48 -18.55
N ILE B 250 -29.63 -9.63 -17.25
CA ILE B 250 -30.52 -10.65 -16.69
C ILE B 250 -31.95 -10.52 -17.22
N LYS B 251 -32.52 -9.33 -17.11
CA LYS B 251 -33.86 -9.02 -17.65
C LYS B 251 -34.04 -9.39 -19.14
N ARG B 252 -33.01 -9.12 -19.94
CA ARG B 252 -33.07 -9.32 -21.40
C ARG B 252 -32.63 -10.72 -21.88
N SER B 253 -32.36 -11.63 -20.94
CA SER B 253 -31.69 -12.88 -21.26
C SER B 253 -32.38 -13.67 -22.41
N SER B 254 -33.67 -13.91 -22.30
CA SER B 254 -34.33 -14.76 -23.30
C SER B 254 -34.41 -14.03 -24.65
N GLU B 255 -34.70 -12.74 -24.59
CA GLU B 255 -34.85 -11.83 -25.72
C GLU B 255 -33.61 -11.75 -26.61
N ILE B 256 -32.44 -11.84 -26.00
CA ILE B 256 -31.19 -11.67 -26.75
C ILE B 256 -30.51 -13.01 -27.05
N ALA B 257 -31.08 -14.11 -26.55
CA ALA B 257 -30.40 -15.42 -26.54
C ALA B 257 -29.90 -15.95 -27.90
N SER B 258 -30.55 -15.54 -29.01
CA SER B 258 -30.13 -16.03 -30.34
C SER B 258 -28.79 -15.45 -30.84
N PHE B 259 -28.44 -14.25 -30.36
CA PHE B 259 -27.25 -13.51 -30.84
C PHE B 259 -26.27 -13.18 -29.71
N CYS B 260 -26.75 -13.26 -28.47
CA CYS B 260 -25.91 -13.22 -27.27
C CYS B 260 -26.15 -14.52 -26.53
N SER B 261 -25.27 -15.48 -26.73
CA SER B 261 -25.62 -16.87 -26.38
C SER B 261 -25.76 -17.03 -24.86
N PRO B 262 -26.55 -18.03 -24.40
CA PRO B 262 -26.56 -18.30 -22.96
C PRO B 262 -25.15 -18.38 -22.31
N GLU B 263 -24.22 -19.10 -22.93
CA GLU B 263 -22.88 -19.21 -22.37
C GLU B 263 -22.12 -17.85 -22.40
N PHE B 264 -22.35 -17.04 -23.42
CA PHE B 264 -21.77 -15.71 -23.47
C PHE B 264 -22.31 -14.84 -22.31
N GLN B 265 -23.63 -14.94 -22.07
CA GLN B 265 -24.32 -14.22 -21.01
C GLN B 265 -23.76 -14.59 -19.64
N ALA B 266 -23.59 -15.88 -19.41
CA ALA B 266 -22.98 -16.39 -18.17
C ALA B 266 -21.59 -15.78 -18.01
N ASN B 267 -20.76 -15.82 -19.05
CA ASN B 267 -19.41 -15.25 -18.94
C ASN B 267 -19.47 -13.76 -18.65
N MSE B 268 -20.37 -13.03 -19.31
CA MSE B 268 -20.48 -11.58 -19.09
C MSE B 268 -20.89 -11.27 -17.66
O MSE B 268 -20.33 -10.36 -17.05
CB MSE B 268 -21.48 -10.93 -20.06
CG MSE B 268 -21.57 -9.39 -19.91
SE MSE B 268 -22.47 -8.60 -21.41
CE MSE B 268 -21.03 -8.80 -22.42
N LYS B 269 -21.89 -11.98 -17.16
CA LYS B 269 -22.37 -11.85 -15.77
C LYS B 269 -21.25 -12.05 -14.77
N ARG B 270 -20.47 -13.12 -14.96
CA ARG B 270 -19.30 -13.38 -14.13
CA ARG B 270 -19.32 -13.36 -14.11
C ARG B 270 -18.34 -12.19 -14.12
N GLY B 271 -18.06 -11.65 -15.30
CA GLY B 271 -17.24 -10.45 -15.47
C GLY B 271 -17.81 -9.24 -14.73
N LEU B 272 -19.10 -8.96 -14.92
CA LEU B 272 -19.80 -7.87 -14.18
C LEU B 272 -19.73 -8.04 -12.65
N GLU B 273 -19.93 -9.27 -12.16
CA GLU B 273 -19.79 -9.58 -10.72
C GLU B 273 -18.40 -9.24 -10.22
N HIS B 274 -17.38 -9.59 -11.01
CA HIS B 274 -15.98 -9.19 -10.71
C HIS B 274 -15.73 -7.67 -10.65
N TRP B 275 -16.34 -6.91 -11.56
CA TRP B 275 -16.26 -5.44 -11.48
C TRP B 275 -16.87 -4.96 -10.17
N ILE B 276 -18.05 -5.49 -9.87
CA ILE B 276 -18.80 -5.09 -8.65
C ILE B 276 -18.03 -5.43 -7.37
N GLU B 277 -17.51 -6.66 -7.30
CA GLU B 277 -16.76 -7.10 -6.11
C GLU B 277 -15.41 -6.42 -6.00
N GLY B 278 -14.64 -6.38 -7.08
CA GLY B 278 -13.40 -5.59 -7.14
C GLY B 278 -13.56 -4.15 -6.69
N GLY B 279 -14.68 -3.53 -7.09
CA GLY B 279 -15.00 -2.20 -6.65
C GLY B 279 -15.24 -2.12 -5.14
N ARG B 280 -16.02 -3.05 -4.60
CA ARG B 280 -16.30 -3.06 -3.15
C ARG B 280 -15.07 -3.45 -2.31
N ALA B 281 -14.13 -4.18 -2.93
CA ALA B 281 -12.92 -4.68 -2.26
C ALA B 281 -11.76 -3.69 -2.31
N GLY B 282 -11.93 -2.58 -3.03
CA GLY B 282 -10.84 -1.57 -3.11
C GLY B 282 -9.76 -1.91 -4.14
N LYS B 283 -10.06 -2.83 -5.05
CA LYS B 283 -9.12 -3.25 -6.08
C LYS B 283 -9.33 -2.47 -7.41
N LEU B 284 -10.59 -2.07 -7.66
CA LEU B 284 -10.98 -1.53 -8.98
C LEU B 284 -11.73 -0.20 -8.80
N THR B 285 -11.63 0.67 -9.80
CA THR B 285 -12.29 1.96 -9.73
C THR B 285 -12.69 2.42 -11.12
N TRP B 286 -13.47 3.49 -11.17
CA TRP B 286 -13.76 4.15 -12.44
C TRP B 286 -13.09 5.51 -12.32
N GLY B 287 -12.05 5.70 -13.12
CA GLY B 287 -11.21 6.87 -12.99
C GLY B 287 -11.40 7.83 -14.14
N GLY B 288 -11.06 9.08 -13.87
CA GLY B 288 -11.20 10.15 -14.85
C GLY B 288 -10.03 11.11 -14.65
N MSE B 289 -9.59 11.73 -15.74
CA MSE B 289 -8.44 12.63 -15.73
C MSE B 289 -8.56 13.67 -16.79
O MSE B 289 -9.12 13.40 -17.85
CB MSE B 289 -7.14 11.83 -15.97
CG MSE B 289 -7.17 10.52 -15.22
SE MSE B 289 -5.81 9.34 -15.74
CE MSE B 289 -4.26 10.21 -14.81
N LEU B 290 -8.04 14.87 -16.52
CA LEU B 290 -7.81 15.88 -17.53
C LEU B 290 -6.30 16.15 -17.57
N PHE B 291 -5.78 16.22 -18.79
CA PHE B 291 -4.38 16.54 -19.08
C PHE B 291 -4.31 17.75 -20.01
N ARG B 292 -3.23 18.53 -19.88
CA ARG B 292 -2.95 19.57 -20.83
C ARG B 292 -1.60 19.30 -21.46
N LYS B 293 -1.49 19.56 -22.76
CA LYS B 293 -0.21 19.49 -23.46
C LYS B 293 0.65 20.74 -23.12
N SER B 294 1.34 20.65 -21.98
CA SER B 294 2.16 21.72 -21.41
C SER B 294 3.13 21.08 -20.46
N ASP B 295 4.24 21.73 -20.21
CA ASP B 295 5.17 21.19 -19.20
C ASP B 295 4.68 21.53 -17.79
N LYS B 296 3.97 22.64 -17.65
CA LYS B 296 3.51 23.11 -16.33
C LYS B 296 2.04 23.50 -16.34
N ILE B 297 1.39 23.35 -15.18
CA ILE B 297 0.12 24.03 -14.95
C ILE B 297 0.44 25.53 -14.88
N TYR C 26 12.58 -24.46 -25.99
CA TYR C 26 11.60 -25.52 -25.59
C TYR C 26 12.12 -26.42 -24.47
N TYR C 27 13.42 -26.75 -24.47
CA TYR C 27 13.94 -27.82 -23.60
C TYR C 27 14.85 -27.40 -22.43
N ASP C 28 15.02 -26.09 -22.19
CA ASP C 28 15.84 -25.62 -21.06
C ASP C 28 15.37 -26.15 -19.69
N ASP C 29 14.06 -26.15 -19.46
CA ASP C 29 13.51 -26.69 -18.20
C ASP C 29 13.81 -28.18 -17.97
N ASP C 30 13.63 -28.98 -19.02
CA ASP C 30 13.96 -30.43 -18.98
C ASP C 30 15.42 -30.64 -18.73
N ASP C 31 16.25 -29.91 -19.47
CA ASP C 31 17.67 -30.14 -19.34
C ASP C 31 18.21 -29.63 -17.99
N SER C 32 17.62 -28.57 -17.44
CA SER C 32 17.93 -28.16 -16.08
C SER C 32 17.66 -29.30 -15.06
N ASP C 33 16.47 -29.90 -15.16
CA ASP C 33 16.12 -31.04 -14.33
C ASP C 33 17.12 -32.20 -14.49
N ARG C 34 17.59 -32.46 -15.72
CA ARG C 34 18.61 -33.51 -15.95
C ARG C 34 19.87 -33.23 -15.13
N PHE C 35 20.30 -31.96 -15.16
CA PHE C 35 21.46 -31.53 -14.38
C PHE C 35 21.28 -31.75 -12.88
N TYR C 36 20.20 -31.21 -12.31
CA TYR C 36 19.92 -31.35 -10.87
C TYR C 36 19.79 -32.81 -10.43
N PHE C 37 19.14 -33.62 -11.24
CA PHE C 37 19.05 -35.06 -10.97
C PHE C 37 20.40 -35.74 -11.07
N HIS C 38 21.20 -35.39 -12.07
CA HIS C 38 22.53 -35.95 -12.18
C HIS C 38 23.38 -35.75 -10.90
N VAL C 39 23.36 -34.56 -10.33
CA VAL C 39 24.28 -34.24 -9.23
C VAL C 39 23.74 -34.66 -7.88
N TRP C 40 22.46 -34.38 -7.64
CA TRP C 40 21.84 -34.58 -6.31
C TRP C 40 20.80 -35.68 -6.23
N GLY C 41 20.42 -36.25 -7.37
CA GLY C 41 19.54 -37.42 -7.38
C GLY C 41 18.16 -37.15 -6.82
N GLY C 42 17.63 -38.09 -6.05
CA GLY C 42 16.27 -37.96 -5.56
C GLY C 42 16.13 -37.22 -4.23
N GLU C 43 17.25 -36.69 -3.74
CA GLU C 43 17.24 -35.83 -2.56
C GLU C 43 17.24 -34.38 -3.02
N ASP C 44 16.03 -33.84 -3.22
CA ASP C 44 15.85 -32.52 -3.83
C ASP C 44 16.62 -31.42 -3.13
N ILE C 45 17.12 -30.51 -3.96
CA ILE C 45 17.89 -29.32 -3.58
C ILE C 45 16.95 -28.12 -3.72
N HIS C 46 16.98 -27.19 -2.75
CA HIS C 46 16.33 -25.88 -2.90
C HIS C 46 17.37 -24.81 -2.50
N VAL C 47 17.01 -23.55 -2.63
CA VAL C 47 17.88 -22.47 -2.20
C VAL C 47 18.35 -22.70 -0.74
N GLY C 48 19.67 -22.68 -0.54
CA GLY C 48 20.29 -23.07 0.72
C GLY C 48 20.63 -21.90 1.65
N LEU C 49 20.93 -22.23 2.91
CA LEU C 49 21.43 -21.29 3.89
C LEU C 49 22.93 -21.66 4.00
N TYR C 50 23.77 -20.75 3.52
CA TYR C 50 25.20 -20.98 3.36
C TYR C 50 26.03 -20.43 4.53
N LYS C 51 27.07 -21.16 4.89
CA LYS C 51 27.99 -20.84 5.99
C LYS C 51 29.26 -20.27 5.40
N GLU C 52 29.68 -19.09 5.86
CA GLU C 52 31.01 -18.56 5.50
C GLU C 52 32.15 -19.45 5.98
N PRO C 53 33.20 -19.64 5.14
CA PRO C 53 33.33 -19.05 3.78
C PRO C 53 32.51 -19.83 2.73
N VAL C 54 31.69 -19.11 1.96
CA VAL C 54 30.70 -19.74 1.08
C VAL C 54 31.39 -20.63 0.03
N ASP C 55 32.56 -20.22 -0.43
CA ASP C 55 33.31 -21.07 -1.33
C ASP C 55 33.67 -22.44 -0.72
N GLN C 56 33.83 -22.55 0.60
CA GLN C 56 34.12 -23.85 1.23
C GLN C 56 32.88 -24.71 1.47
N ASP C 57 31.70 -24.08 1.44
CA ASP C 57 30.45 -24.76 1.82
C ASP C 57 30.01 -25.68 0.70
N GLU C 58 29.03 -26.55 0.96
CA GLU C 58 28.51 -27.47 -0.07
C GLU C 58 27.04 -27.21 -0.23
N ILE C 59 26.58 -27.19 -1.49
CA ILE C 59 25.17 -26.94 -1.80
C ILE C 59 24.25 -27.96 -1.07
N ARG C 60 24.66 -29.23 -1.02
CA ARG C 60 23.90 -30.27 -0.34
C ARG C 60 23.66 -29.87 1.16
N GLU C 61 24.74 -29.49 1.85
CA GLU C 61 24.61 -29.12 3.27
C GLU C 61 23.75 -27.86 3.46
N ALA C 62 23.95 -26.88 2.58
CA ALA C 62 23.20 -25.63 2.66
C ALA C 62 21.67 -25.84 2.47
N SER C 63 21.30 -26.70 1.52
CA SER C 63 19.91 -27.04 1.23
C SER C 63 19.30 -27.80 2.42
N LEU C 64 20.08 -28.70 3.03
CA LEU C 64 19.65 -29.36 4.27
C LEU C 64 19.48 -28.38 5.46
N ARG C 65 20.36 -27.38 5.55
CA ARG C 65 20.16 -26.30 6.55
C ARG C 65 18.82 -25.54 6.34
N THR C 66 18.46 -25.27 5.08
CA THR C 66 17.17 -24.70 4.71
C THR C 66 16.01 -25.61 5.19
N ASP C 67 16.15 -26.91 4.97
CA ASP C 67 15.08 -27.86 5.35
C ASP C 67 14.89 -27.84 6.88
N GLU C 68 15.99 -27.94 7.62
CA GLU C 68 15.98 -27.82 9.09
C GLU C 68 15.38 -26.50 9.59
N TRP C 69 15.78 -25.39 8.98
CA TRP C 69 15.29 -24.09 9.39
C TRP C 69 13.79 -23.97 9.11
N LEU C 70 13.36 -24.28 7.89
CA LEU C 70 11.93 -24.15 7.60
C LEU C 70 11.05 -25.09 8.48
N ALA C 71 11.52 -26.33 8.64
CA ALA C 71 10.85 -27.29 9.52
C ALA C 71 10.80 -26.81 10.97
N SER C 72 11.89 -26.20 11.45
CA SER C 72 11.92 -25.64 12.81
CA SER C 72 11.92 -25.65 12.81
C SER C 72 10.91 -24.51 12.96
N GLU C 73 10.80 -23.64 11.95
CA GLU C 73 9.86 -22.54 12.02
C GLU C 73 8.43 -23.13 12.03
N LEU C 74 8.21 -24.11 11.15
CA LEU C 74 6.88 -24.71 11.07
C LEU C 74 6.54 -25.49 12.37
N ALA C 75 7.52 -26.22 12.93
CA ALA C 75 7.30 -26.96 14.19
C ALA C 75 6.86 -26.05 15.34
N MSE C 76 7.33 -24.79 15.34
CA MSE C 76 6.97 -23.87 16.41
C MSE C 76 5.46 -23.54 16.41
O MSE C 76 4.90 -23.13 17.45
CB MSE C 76 7.78 -22.57 16.34
CG MSE C 76 9.26 -22.73 16.55
SE MSE C 76 9.81 -23.26 18.34
CE MSE C 76 9.89 -21.59 19.22
N THR C 77 4.80 -23.74 15.27
CA THR C 77 3.35 -23.40 15.19
C THR C 77 2.50 -24.55 15.75
N GLY C 78 3.15 -25.66 16.09
CA GLY C 78 2.48 -26.80 16.73
C GLY C 78 1.90 -27.85 15.77
N VAL C 79 2.01 -27.63 14.45
CA VAL C 79 1.33 -28.50 13.45
C VAL C 79 2.06 -29.82 13.12
N LEU C 80 3.35 -29.91 13.48
CA LEU C 80 4.17 -31.07 13.11
C LEU C 80 4.13 -32.14 14.20
N GLN C 81 2.91 -32.46 14.64
CA GLN C 81 2.64 -33.55 15.58
C GLN C 81 2.77 -34.89 14.85
N ARG C 82 3.06 -35.95 15.58
CA ARG C 82 3.05 -37.28 14.98
C ARG C 82 1.70 -37.55 14.32
N GLN C 83 1.74 -38.15 13.13
CA GLN C 83 0.58 -38.42 12.28
CA GLN C 83 0.49 -38.44 12.41
C GLN C 83 -0.22 -37.21 11.79
N ALA C 84 0.25 -35.99 12.07
CA ALA C 84 -0.37 -34.81 11.42
C ALA C 84 -0.27 -35.03 9.91
N LYS C 85 -1.20 -34.42 9.16
CA LYS C 85 -1.29 -34.64 7.72
C LYS C 85 -0.82 -33.40 6.93
N GLY C 86 0.21 -33.58 6.13
CA GLY C 86 0.77 -32.51 5.32
C GLY C 86 0.61 -32.73 3.82
N LEU C 87 0.61 -31.61 3.11
CA LEU C 87 0.64 -31.61 1.64
C LEU C 87 1.91 -30.89 1.22
N ASP C 88 2.71 -31.55 0.38
CA ASP C 88 3.90 -30.92 -0.19
C ASP C 88 3.57 -30.46 -1.62
N LEU C 89 3.43 -29.14 -1.81
CA LEU C 89 3.16 -28.61 -3.14
C LEU C 89 4.45 -28.39 -3.95
N GLY C 90 4.64 -29.22 -4.96
CA GLY C 90 5.85 -29.11 -5.79
C GLY C 90 6.92 -29.97 -5.19
N ALA C 91 6.59 -31.25 -5.02
CA ALA C 91 7.38 -32.14 -4.19
C ALA C 91 8.68 -32.69 -4.78
N GLY C 92 8.86 -32.48 -6.09
CA GLY C 92 10.04 -33.01 -6.80
C GLY C 92 10.07 -34.53 -6.63
N TYR C 93 11.25 -35.04 -6.27
CA TYR C 93 11.43 -36.45 -5.97
C TYR C 93 11.01 -36.89 -4.56
N GLY C 94 10.44 -35.96 -3.77
CA GLY C 94 9.97 -36.28 -2.40
C GLY C 94 11.03 -36.22 -1.33
N GLY C 95 12.14 -35.56 -1.63
CA GLY C 95 13.23 -35.41 -0.63
C GLY C 95 12.73 -34.79 0.68
N ALA C 96 12.03 -33.65 0.57
CA ALA C 96 11.44 -33.00 1.75
C ALA C 96 10.44 -33.88 2.52
N ALA C 97 9.59 -34.58 1.78
CA ALA C 97 8.58 -35.47 2.38
C ALA C 97 9.25 -36.53 3.25
N ARG C 98 10.30 -37.14 2.72
CA ARG C 98 11.01 -38.17 3.48
C ARG C 98 11.72 -37.55 4.69
N PHE C 99 12.27 -36.35 4.52
CA PHE C 99 12.89 -35.59 5.61
C PHE C 99 11.92 -35.35 6.76
N LEU C 100 10.72 -34.87 6.43
CA LEU C 100 9.70 -34.56 7.44
C LEU C 100 9.15 -35.82 8.11
N VAL C 101 8.88 -36.85 7.33
CA VAL C 101 8.37 -38.11 7.90
C VAL C 101 9.39 -38.65 8.93
N ARG C 102 10.65 -38.78 8.52
CA ARG C 102 11.68 -39.29 9.43
C ARG C 102 11.84 -38.46 10.68
N LYS C 103 11.74 -37.14 10.56
CA LYS C 103 12.01 -36.24 11.69
C LYS C 103 10.82 -36.11 12.66
N PHE C 104 9.60 -36.04 12.12
CA PHE C 104 8.41 -35.68 12.91
C PHE C 104 7.35 -36.76 12.98
N GLY C 105 7.45 -37.76 12.11
CA GLY C 105 6.48 -38.85 12.10
C GLY C 105 5.14 -38.38 11.58
N VAL C 106 5.14 -37.31 10.78
CA VAL C 106 3.93 -36.85 10.05
C VAL C 106 3.66 -37.74 8.82
N SER C 107 2.51 -37.52 8.18
CA SER C 107 2.20 -38.11 6.89
C SER C 107 2.17 -37.00 5.87
N ILE C 108 2.61 -37.29 4.64
CA ILE C 108 2.76 -36.27 3.61
C ILE C 108 2.12 -36.81 2.31
N ASP C 109 1.23 -36.02 1.71
CA ASP C 109 0.86 -36.23 0.31
C ASP C 109 1.73 -35.29 -0.54
N CYS C 110 2.42 -35.85 -1.53
CA CYS C 110 3.23 -35.08 -2.48
C CYS C 110 2.43 -34.77 -3.74
N LEU C 111 2.41 -33.49 -4.14
CA LEU C 111 1.78 -33.10 -5.40
C LEU C 111 2.85 -32.57 -6.35
N ASN C 112 2.84 -33.14 -7.55
CA ASN C 112 3.83 -32.86 -8.58
C ASN C 112 3.21 -33.12 -9.96
N ILE C 113 3.53 -32.23 -10.89
CA ILE C 113 3.06 -32.31 -12.26
C ILE C 113 3.90 -33.24 -13.18
N ALA C 114 5.08 -33.68 -12.73
CA ALA C 114 6.02 -34.47 -13.56
C ALA C 114 5.92 -35.94 -13.24
N PRO C 115 5.35 -36.75 -14.18
CA PRO C 115 5.18 -38.21 -13.92
C PRO C 115 6.46 -38.98 -13.60
N VAL C 116 7.57 -38.61 -14.23
CA VAL C 116 8.80 -39.34 -13.99
C VAL C 116 9.26 -39.09 -12.55
N GLN C 117 9.11 -37.85 -12.08
CA GLN C 117 9.48 -37.49 -10.72
C GLN C 117 8.61 -38.25 -9.73
N ASN C 118 7.32 -38.37 -10.03
CA ASN C 118 6.40 -39.09 -9.17
C ASN C 118 6.70 -40.57 -9.08
N LYS C 119 7.01 -41.19 -10.21
CA LYS C 119 7.42 -42.62 -10.28
C LYS C 119 8.69 -42.88 -9.44
N ARG C 120 9.69 -42.02 -9.61
CA ARG C 120 10.93 -42.10 -8.82
C ARG C 120 10.71 -41.90 -7.33
N ASN C 121 9.94 -40.85 -7.00
CA ASN C 121 9.50 -40.57 -5.63
C ASN C 121 8.88 -41.81 -4.96
N GLU C 122 7.82 -42.37 -5.56
CA GLU C 122 7.22 -43.61 -5.05
C GLU C 122 8.22 -44.73 -4.80
N GLU C 123 9.14 -44.95 -5.73
CA GLU C 123 10.09 -46.06 -5.52
C GLU C 123 11.09 -45.76 -4.41
N TYR C 124 11.49 -44.50 -4.26
CA TYR C 124 12.33 -44.06 -3.13
C TYR C 124 11.64 -44.30 -1.79
N ASN C 125 10.35 -44.00 -1.73
CA ASN C 125 9.58 -44.22 -0.52
C ASN C 125 9.47 -45.71 -0.21
N ASN C 126 9.30 -46.51 -1.25
CA ASN C 126 9.30 -47.99 -1.07
C ASN C 126 10.63 -48.50 -0.52
N GLN C 127 11.73 -48.05 -1.11
CA GLN C 127 13.06 -48.47 -0.67
C GLN C 127 13.33 -48.11 0.76
N ALA C 128 12.79 -46.97 1.18
CA ALA C 128 13.00 -46.41 2.52
C ALA C 128 12.05 -47.01 3.58
N GLY C 129 11.11 -47.82 3.13
CA GLY C 129 10.05 -48.33 3.97
C GLY C 129 9.16 -47.22 4.51
N LEU C 130 8.84 -46.24 3.66
CA LEU C 130 8.08 -45.06 4.07
C LEU C 130 6.76 -44.84 3.31
N ALA C 131 6.40 -45.81 2.46
CA ALA C 131 5.23 -45.71 1.58
C ALA C 131 3.90 -45.64 2.33
N ASP C 132 3.88 -46.05 3.60
CA ASP C 132 2.66 -45.89 4.41
C ASP C 132 2.49 -44.48 5.00
N ASN C 133 3.53 -43.66 4.92
CA ASN C 133 3.44 -42.28 5.37
C ASN C 133 3.46 -41.31 4.20
N ILE C 134 3.85 -41.79 3.03
CA ILE C 134 3.95 -40.86 1.89
C ILE C 134 3.17 -41.34 0.67
N THR C 135 2.33 -40.44 0.15
CA THR C 135 1.50 -40.69 -1.01
C THR C 135 1.84 -39.68 -2.10
N VAL C 136 1.97 -40.16 -3.32
CA VAL C 136 2.44 -39.33 -4.40
C VAL C 136 1.27 -39.14 -5.35
N LYS C 137 0.88 -37.89 -5.57
CA LYS C 137 -0.28 -37.55 -6.40
C LYS C 137 0.17 -36.69 -7.58
N TYR C 138 -0.39 -37.00 -8.75
CA TYR C 138 -0.19 -36.13 -9.92
C TYR C 138 -1.17 -34.96 -9.81
N GLY C 139 -0.71 -33.76 -10.14
CA GLY C 139 -1.63 -32.65 -10.21
C GLY C 139 -0.97 -31.28 -10.14
N SER C 140 -1.81 -30.27 -10.27
CA SER C 140 -1.39 -28.88 -10.41
C SER C 140 -1.89 -28.12 -9.20
N PHE C 141 -1.12 -27.12 -8.76
CA PHE C 141 -1.53 -26.19 -7.68
C PHE C 141 -2.80 -25.44 -7.99
N LEU C 142 -3.13 -25.32 -9.27
CA LEU C 142 -4.33 -24.57 -9.64
C LEU C 142 -5.60 -25.40 -9.51
N GLU C 143 -5.44 -26.71 -9.33
CA GLU C 143 -6.57 -27.62 -9.08
C GLU C 143 -6.10 -28.78 -8.25
N ILE C 144 -5.93 -28.54 -6.96
CA ILE C 144 -5.40 -29.54 -6.07
C ILE C 144 -6.45 -30.65 -5.98
N PRO C 145 -6.06 -31.90 -6.34
CA PRO C 145 -7.01 -33.01 -6.43
C PRO C 145 -7.24 -33.64 -5.05
N CYS C 146 -7.59 -32.80 -4.08
CA CYS C 146 -7.86 -33.20 -2.69
C CYS C 146 -9.08 -32.44 -2.25
N GLU C 147 -9.76 -32.99 -1.23
CA GLU C 147 -10.98 -32.39 -0.66
C GLU C 147 -10.65 -31.18 0.22
N ASP C 148 -11.64 -30.28 0.35
CA ASP C 148 -11.59 -29.18 1.31
C ASP C 148 -11.18 -29.69 2.69
N ASN C 149 -10.52 -28.83 3.47
CA ASN C 149 -10.16 -29.12 4.88
C ASN C 149 -9.42 -30.48 5.13
N SER C 150 -8.43 -30.78 4.30
CA SER C 150 -7.72 -32.05 4.35
C SER C 150 -6.44 -32.06 5.20
N TYR C 151 -5.76 -30.91 5.28
CA TYR C 151 -4.39 -30.88 5.76
C TYR C 151 -4.20 -30.02 6.98
N ASP C 152 -3.41 -30.56 7.89
CA ASP C 152 -2.95 -29.81 9.03
C ASP C 152 -1.90 -28.78 8.60
N PHE C 153 -1.12 -29.08 7.56
CA PHE C 153 -0.07 -28.15 7.06
C PHE C 153 0.19 -28.31 5.56
N ILE C 154 0.66 -27.24 4.94
CA ILE C 154 1.22 -27.27 3.60
C ILE C 154 2.69 -26.82 3.66
N TRP C 155 3.51 -27.52 2.86
CA TRP C 155 4.92 -27.23 2.70
C TRP C 155 5.12 -27.01 1.22
N SER C 156 5.76 -25.90 0.88
CA SER C 156 6.05 -25.67 -0.53
C SER C 156 7.35 -24.91 -0.67
N GLN C 157 8.35 -25.55 -1.28
CA GLN C 157 9.68 -24.94 -1.44
C GLN C 157 9.99 -24.55 -2.88
N ASP C 158 10.05 -23.24 -3.11
CA ASP C 158 10.44 -22.65 -4.41
C ASP C 158 9.64 -23.15 -5.61
N ALA C 159 8.38 -23.42 -5.38
CA ALA C 159 7.51 -23.93 -6.42
C ALA C 159 6.51 -22.88 -6.94
N PHE C 160 6.13 -21.88 -6.12
CA PHE C 160 5.12 -20.91 -6.54
C PHE C 160 5.61 -19.99 -7.68
N LEU C 161 6.92 -19.78 -7.75
CA LEU C 161 7.60 -18.86 -8.71
C LEU C 161 6.98 -18.83 -10.13
N HIS C 162 6.83 -20.00 -10.72
CA HIS C 162 6.32 -20.13 -12.10
C HIS C 162 4.80 -20.15 -12.27
N SER C 163 4.00 -20.12 -11.20
CA SER C 163 2.53 -20.14 -11.42
C SER C 163 2.01 -18.89 -12.13
N PRO C 164 1.21 -19.07 -13.22
CA PRO C 164 0.59 -17.93 -13.92
C PRO C 164 -0.71 -17.37 -13.27
N ASP C 165 -1.13 -17.96 -12.15
CA ASP C 165 -2.35 -17.53 -11.46
C ASP C 165 -2.13 -17.71 -9.96
N LYS C 166 -1.36 -16.77 -9.40
CA LYS C 166 -0.96 -16.87 -8.01
C LYS C 166 -2.14 -16.73 -7.04
N LEU C 167 -3.17 -15.94 -7.38
CA LEU C 167 -4.39 -15.89 -6.55
C LEU C 167 -5.00 -17.30 -6.46
N LYS C 168 -5.13 -17.98 -7.59
CA LYS C 168 -5.77 -19.32 -7.59
C LYS C 168 -4.98 -20.31 -6.72
N VAL C 169 -3.65 -20.23 -6.78
CA VAL C 169 -2.80 -21.02 -5.92
C VAL C 169 -3.17 -20.80 -4.43
N PHE C 170 -3.24 -19.55 -3.99
CA PHE C 170 -3.55 -19.26 -2.59
C PHE C 170 -4.99 -19.68 -2.22
N GLN C 171 -5.92 -19.56 -3.17
CA GLN C 171 -7.31 -20.02 -2.96
C GLN C 171 -7.28 -21.52 -2.78
N GLU C 172 -6.52 -22.23 -3.61
CA GLU C 172 -6.40 -23.70 -3.45
C GLU C 172 -5.78 -24.11 -2.12
N CYS C 173 -4.71 -23.41 -1.72
CA CYS C 173 -4.06 -23.68 -0.45
C CYS C 173 -5.05 -23.47 0.69
N ALA C 174 -5.76 -22.34 0.66
CA ALA C 174 -6.72 -22.05 1.70
C ALA C 174 -7.83 -23.11 1.77
N ARG C 175 -8.34 -23.50 0.60
CA ARG C 175 -9.42 -24.49 0.49
C ARG C 175 -9.05 -25.82 1.16
N VAL C 176 -7.85 -26.33 0.85
CA VAL C 176 -7.45 -27.66 1.31
C VAL C 176 -6.86 -27.73 2.72
N LEU C 177 -6.47 -26.58 3.29
CA LEU C 177 -6.03 -26.57 4.69
C LEU C 177 -7.25 -26.71 5.60
N LYS C 178 -7.08 -27.46 6.68
CA LYS C 178 -8.01 -27.44 7.79
C LYS C 178 -8.09 -26.05 8.44
N PRO C 179 -9.24 -25.73 9.08
CA PRO C 179 -9.22 -24.51 9.88
C PRO C 179 -8.01 -24.52 10.85
N ARG C 180 -7.31 -23.38 10.94
CA ARG C 180 -6.10 -23.26 11.78
C ARG C 180 -4.87 -24.05 11.27
N GLY C 181 -4.99 -24.67 10.09
CA GLY C 181 -3.85 -25.30 9.43
C GLY C 181 -2.80 -24.25 9.10
N VAL C 182 -1.53 -24.66 9.01
CA VAL C 182 -0.43 -23.72 8.74
C VAL C 182 0.27 -24.04 7.42
N MSE C 183 0.63 -23.02 6.63
CA MSE C 183 1.41 -23.25 5.44
C MSE C 183 2.78 -22.58 5.57
O MSE C 183 2.86 -21.40 5.99
CB MSE C 183 0.70 -22.72 4.19
CG MSE C 183 1.58 -22.80 2.95
SE MSE C 183 0.62 -22.65 1.24
CE MSE C 183 0.12 -20.81 1.40
N ALA C 184 3.84 -23.34 5.25
CA ALA C 184 5.21 -22.77 5.16
C ALA C 184 5.69 -22.78 3.72
N ILE C 185 6.12 -21.63 3.20
CA ILE C 185 6.54 -21.58 1.82
C ILE C 185 7.87 -20.84 1.71
N THR C 186 8.62 -21.17 0.66
CA THR C 186 9.75 -20.33 0.24
C THR C 186 9.62 -20.14 -1.28
N ASP C 187 10.17 -19.05 -1.80
CA ASP C 187 10.08 -18.76 -3.22
C ASP C 187 11.15 -17.73 -3.56
N PRO C 188 11.93 -17.97 -4.63
CA PRO C 188 12.69 -16.86 -5.21
C PRO C 188 11.66 -15.80 -5.63
N MSE C 189 11.99 -14.53 -5.43
CA MSE C 189 11.00 -13.47 -5.65
C MSE C 189 11.64 -12.11 -5.88
O MSE C 189 12.87 -12.00 -5.85
CB MSE C 189 9.94 -13.40 -4.50
CG MSE C 189 10.45 -13.37 -3.07
SE MSE C 189 8.89 -13.42 -1.83
CE MSE C 189 8.45 -15.16 -1.51
N LYS C 190 10.82 -11.13 -6.24
CA LYS C 190 11.33 -9.76 -6.30
C LYS C 190 11.14 -9.08 -4.94
N GLU C 191 12.00 -8.10 -4.65
CA GLU C 191 11.81 -7.24 -3.48
C GLU C 191 10.55 -6.38 -3.66
N ASP C 192 9.87 -6.17 -2.54
CA ASP C 192 8.72 -5.26 -2.49
C ASP C 192 9.14 -3.91 -3.09
N GLY C 193 8.32 -3.38 -3.99
CA GLY C 193 8.53 -2.05 -4.55
C GLY C 193 9.41 -2.03 -5.79
N ILE C 194 9.88 -3.21 -6.21
CA ILE C 194 10.66 -3.31 -7.43
C ILE C 194 9.70 -3.42 -8.59
N ASP C 195 9.86 -2.49 -9.52
CA ASP C 195 9.06 -2.50 -10.75
C ASP C 195 9.51 -3.59 -11.71
N LYS C 196 8.54 -4.23 -12.36
CA LYS C 196 8.79 -5.18 -13.46
C LYS C 196 9.72 -4.65 -14.58
N SER C 197 9.70 -3.34 -14.86
CA SER C 197 10.61 -2.74 -15.85
C SER C 197 12.08 -2.87 -15.42
N SER C 198 12.30 -2.97 -14.11
CA SER C 198 13.62 -3.17 -13.52
C SER C 198 14.18 -4.57 -13.72
N ILE C 199 13.32 -5.52 -14.04
CA ILE C 199 13.67 -6.95 -14.02
C ILE C 199 13.26 -7.71 -15.28
N GLN C 200 13.32 -7.02 -16.42
CA GLN C 200 12.76 -7.57 -17.63
C GLN C 200 13.56 -8.75 -18.15
N PRO C 201 14.91 -8.69 -18.07
CA PRO C 201 15.68 -9.87 -18.48
C PRO C 201 15.23 -11.14 -17.79
N ILE C 202 15.00 -11.08 -16.48
CA ILE C 202 14.57 -12.28 -15.76
C ILE C 202 13.10 -12.66 -16.07
N LEU C 203 12.23 -11.66 -16.13
CA LEU C 203 10.83 -11.93 -16.51
C LEU C 203 10.74 -12.51 -17.92
N ASP C 204 11.61 -12.05 -18.82
CA ASP C 204 11.60 -12.57 -20.19
C ASP C 204 11.86 -14.07 -20.15
N ARG C 205 12.76 -14.49 -19.28
CA ARG C 205 13.16 -15.90 -19.26
C ARG C 205 12.12 -16.85 -18.70
N ILE C 206 11.51 -16.46 -17.58
CA ILE C 206 10.58 -17.33 -16.85
C ILE C 206 9.16 -17.21 -17.37
N LYS C 207 8.99 -16.33 -18.36
CA LYS C 207 7.72 -16.04 -19.04
C LYS C 207 6.61 -15.65 -18.05
N LEU C 208 6.79 -14.54 -17.35
CA LEU C 208 5.73 -14.05 -16.46
C LEU C 208 5.56 -12.55 -16.64
N HIS C 209 4.34 -12.05 -16.43
CA HIS C 209 4.08 -10.60 -16.44
C HIS C 209 4.97 -9.88 -15.41
N ASP C 210 5.09 -10.49 -14.24
CA ASP C 210 5.71 -9.87 -13.10
C ASP C 210 6.00 -11.02 -12.17
N MSE C 211 6.69 -10.72 -11.09
CA MSE C 211 7.14 -11.76 -10.18
C MSE C 211 6.44 -11.58 -8.83
O MSE C 211 6.07 -10.46 -8.48
CB MSE C 211 8.65 -11.61 -10.01
CG MSE C 211 9.28 -12.69 -9.18
SE MSE C 211 11.17 -12.61 -9.39
CE MSE C 211 11.33 -13.36 -11.06
N GLY C 212 6.30 -12.67 -8.07
CA GLY C 212 5.84 -12.60 -6.69
C GLY C 212 6.77 -11.80 -5.77
N SER C 213 6.23 -11.40 -4.62
CA SER C 213 6.97 -10.63 -3.59
C SER C 213 6.29 -10.89 -2.26
N LEU C 214 6.96 -10.63 -1.13
CA LEU C 214 6.32 -10.81 0.21
C LEU C 214 5.04 -10.00 0.33
N GLY C 215 5.05 -8.80 -0.23
CA GLY C 215 3.90 -7.88 -0.19
C GLY C 215 2.70 -8.47 -0.94
N LEU C 216 2.95 -8.92 -2.17
CA LEU C 216 1.86 -9.55 -2.93
C LEU C 216 1.32 -10.82 -2.27
N TYR C 217 2.25 -11.71 -1.88
CA TYR C 217 1.85 -12.97 -1.27
C TYR C 217 1.04 -12.72 -0.02
N ARG C 218 1.42 -11.71 0.77
CA ARG C 218 0.63 -11.40 1.99
C ARG C 218 -0.79 -10.99 1.68
N SER C 219 -0.93 -10.14 0.66
CA SER C 219 -2.23 -9.62 0.21
C SER C 219 -3.09 -10.74 -0.36
N LEU C 220 -2.51 -11.58 -1.21
CA LEU C 220 -3.26 -12.70 -1.82
C LEU C 220 -3.72 -13.64 -0.74
N ALA C 221 -2.81 -13.95 0.19
CA ALA C 221 -3.18 -14.87 1.27
C ALA C 221 -4.30 -14.28 2.14
N LYS C 222 -4.21 -12.99 2.43
CA LYS C 222 -5.19 -12.32 3.30
C LYS C 222 -6.60 -12.40 2.67
N GLU C 223 -6.69 -12.18 1.36
CA GLU C 223 -7.92 -12.34 0.59
C GLU C 223 -8.55 -13.73 0.72
N CYS C 224 -7.71 -14.72 0.96
CA CYS C 224 -8.11 -16.13 1.01
C CYS C 224 -8.30 -16.63 2.44
N GLY C 225 -8.17 -15.75 3.43
CA GLY C 225 -8.42 -16.15 4.81
C GLY C 225 -7.22 -16.70 5.55
N LEU C 226 -6.03 -16.43 4.99
CA LEU C 226 -4.77 -16.85 5.59
C LEU C 226 -4.01 -15.65 6.16
N VAL C 227 -3.87 -15.63 7.48
CA VAL C 227 -3.05 -14.61 8.13
C VAL C 227 -1.56 -14.90 8.00
N THR C 228 -0.80 -13.85 7.81
CA THR C 228 0.64 -13.97 7.67
C THR C 228 1.23 -13.91 9.06
N LEU C 229 1.84 -15.00 9.46
CA LEU C 229 2.47 -15.18 10.78
C LEU C 229 3.87 -14.57 10.89
N ARG C 230 4.68 -14.75 9.84
CA ARG C 230 6.06 -14.23 9.82
C ARG C 230 6.60 -14.30 8.43
N THR C 231 7.60 -13.49 8.13
CA THR C 231 8.20 -13.45 6.79
C THR C 231 9.70 -13.31 6.91
N PHE C 232 10.41 -13.69 5.85
CA PHE C 232 11.88 -13.69 5.77
C PHE C 232 12.26 -13.27 4.37
N SER C 233 13.26 -12.42 4.27
CA SER C 233 13.86 -12.09 2.98
C SER C 233 15.32 -12.36 3.09
N ARG C 234 15.84 -13.24 2.24
CA ARG C 234 17.24 -13.63 2.35
C ARG C 234 17.90 -13.44 0.99
N PRO C 235 18.19 -12.15 0.63
CA PRO C 235 18.84 -11.99 -0.69
C PRO C 235 20.26 -12.56 -0.70
N ASP C 236 20.92 -12.61 0.48
CA ASP C 236 22.22 -13.24 0.58
C ASP C 236 22.17 -14.72 0.14
N SER C 237 21.18 -15.46 0.64
CA SER C 237 21.00 -16.87 0.23
C SER C 237 20.76 -16.99 -1.28
N LEU C 238 19.94 -16.09 -1.85
CA LEU C 238 19.71 -16.07 -3.31
C LEU C 238 21.05 -15.97 -4.09
N VAL C 239 21.84 -14.99 -3.71
CA VAL C 239 23.15 -14.76 -4.32
C VAL C 239 24.13 -15.91 -4.08
N HIS C 240 24.32 -16.34 -2.83
CA HIS C 240 25.18 -17.49 -2.53
C HIS C 240 24.76 -18.75 -3.29
N HIS C 241 23.47 -19.00 -3.28
CA HIS C 241 22.97 -20.26 -3.85
C HIS C 241 23.20 -20.37 -5.34
N TYR C 242 22.71 -19.39 -6.07
CA TYR C 242 22.87 -19.44 -7.53
C TYR C 242 24.31 -19.30 -8.01
N SER C 243 25.11 -18.55 -7.26
CA SER C 243 26.59 -18.55 -7.43
C SER C 243 27.20 -19.95 -7.29
N LYS C 244 26.82 -20.66 -6.23
CA LYS C 244 27.29 -22.03 -6.04
C LYS C 244 26.78 -22.99 -7.12
N VAL C 245 25.51 -22.84 -7.52
CA VAL C 245 24.99 -23.65 -8.61
C VAL C 245 25.79 -23.44 -9.90
N LYS C 246 26.06 -22.17 -10.24
CA LYS C 246 26.89 -21.85 -11.40
C LYS C 246 28.25 -22.54 -11.31
N ALA C 247 28.85 -22.49 -10.13
CA ALA C 247 30.16 -23.14 -9.96
C ALA C 247 30.02 -24.66 -10.19
N GLU C 248 28.93 -25.25 -9.73
CA GLU C 248 28.80 -26.71 -9.84
C GLU C 248 28.60 -27.10 -11.32
N LEU C 249 27.88 -26.26 -12.06
CA LEU C 249 27.61 -26.45 -13.51
C LEU C 249 28.92 -26.42 -14.30
N ILE C 250 29.78 -25.46 -13.96
CA ILE C 250 31.11 -25.35 -14.55
C ILE C 250 31.96 -26.58 -14.21
N LYS C 251 31.95 -26.99 -12.93
CA LYS C 251 32.72 -28.15 -12.51
C LYS C 251 32.28 -29.43 -13.26
N ARG C 252 30.98 -29.54 -13.52
CA ARG C 252 30.42 -30.79 -14.07
C ARG C 252 30.29 -30.75 -15.58
N SER C 253 30.68 -29.63 -16.20
CA SER C 253 30.45 -29.33 -17.61
C SER C 253 30.73 -30.51 -18.54
N SER C 254 31.95 -31.05 -18.49
CA SER C 254 32.32 -32.19 -19.33
C SER C 254 31.52 -33.46 -19.04
N GLU C 255 31.31 -33.78 -17.77
CA GLU C 255 30.62 -35.02 -17.48
C GLU C 255 29.11 -35.02 -17.86
N ILE C 256 28.48 -33.85 -17.91
CA ILE C 256 27.06 -33.78 -18.24
C ILE C 256 26.78 -33.48 -19.72
N ALA C 257 27.85 -33.19 -20.47
CA ALA C 257 27.75 -32.64 -21.84
C ALA C 257 26.90 -33.41 -22.84
N SER C 258 26.74 -34.72 -22.68
CA SER C 258 25.96 -35.45 -23.67
C SER C 258 24.45 -35.25 -23.52
N PHE C 259 23.99 -34.86 -22.34
CA PHE C 259 22.55 -34.73 -22.11
C PHE C 259 22.16 -33.31 -21.67
N CYS C 260 23.16 -32.56 -21.22
CA CYS C 260 23.03 -31.12 -20.96
C CYS C 260 24.06 -30.46 -21.88
N SER C 261 23.64 -30.10 -23.09
CA SER C 261 24.57 -29.71 -24.15
C SER C 261 25.39 -28.45 -23.78
N PRO C 262 26.56 -28.28 -24.42
CA PRO C 262 27.35 -27.05 -24.25
C PRO C 262 26.51 -25.76 -24.37
N GLU C 263 25.69 -25.67 -25.43
CA GLU C 263 24.83 -24.49 -25.63
C GLU C 263 23.75 -24.38 -24.54
N PHE C 264 23.22 -25.52 -24.06
CA PHE C 264 22.25 -25.47 -22.96
C PHE C 264 22.93 -24.91 -21.70
N GLN C 265 24.15 -25.40 -21.41
CA GLN C 265 24.83 -25.00 -20.21
C GLN C 265 25.06 -23.47 -20.22
N ALA C 266 25.39 -22.92 -21.40
CA ALA C 266 25.52 -21.47 -21.60
C ALA C 266 24.22 -20.71 -21.33
N ASN C 267 23.08 -21.23 -21.81
CA ASN C 267 21.80 -20.60 -21.53
C ASN C 267 21.47 -20.66 -20.04
N MSE C 268 21.75 -21.80 -19.42
CA MSE C 268 21.47 -21.95 -18.02
C MSE C 268 22.27 -20.95 -17.16
O MSE C 268 21.71 -20.30 -16.27
CB MSE C 268 21.70 -23.38 -17.54
CG MSE C 268 21.40 -23.55 -16.06
SE MSE C 268 21.33 -25.40 -15.46
CE MSE C 268 21.07 -25.00 -13.56
N LYS C 269 23.58 -20.85 -17.43
CA LYS C 269 24.45 -19.92 -16.70
C LYS C 269 23.94 -18.49 -16.88
N ARG C 270 23.49 -18.15 -18.08
CA ARG C 270 22.87 -16.80 -18.25
C ARG C 270 21.67 -16.54 -17.32
N GLY C 271 20.78 -17.52 -17.20
CA GLY C 271 19.63 -17.45 -16.30
C GLY C 271 20.08 -17.36 -14.86
N LEU C 272 21.11 -18.14 -14.49
CA LEU C 272 21.67 -18.09 -13.11
C LEU C 272 22.19 -16.71 -12.79
N GLU C 273 22.93 -16.12 -13.74
CA GLU C 273 23.47 -14.79 -13.53
C GLU C 273 22.38 -13.72 -13.31
N HIS C 274 21.22 -13.85 -13.95
CA HIS C 274 20.08 -12.99 -13.63
C HIS C 274 19.69 -12.95 -12.16
N TRP C 275 19.61 -14.11 -11.52
CA TRP C 275 19.30 -14.18 -10.12
C TRP C 275 20.41 -13.58 -9.28
N ILE C 276 21.65 -13.97 -9.60
CA ILE C 276 22.82 -13.45 -8.88
C ILE C 276 22.86 -11.93 -8.95
N GLU C 277 22.86 -11.39 -10.17
CA GLU C 277 22.93 -9.94 -10.36
C GLU C 277 21.68 -9.24 -9.75
N GLY C 278 20.48 -9.80 -9.95
CA GLY C 278 19.27 -9.25 -9.32
C GLY C 278 19.39 -9.21 -7.79
N GLY C 279 19.93 -10.27 -7.20
CA GLY C 279 20.16 -10.30 -5.74
C GLY C 279 21.17 -9.23 -5.32
N ARG C 280 22.28 -9.13 -6.03
CA ARG C 280 23.29 -8.08 -5.71
C ARG C 280 22.80 -6.66 -5.93
N ALA C 281 21.89 -6.49 -6.91
CA ALA C 281 21.33 -5.17 -7.23
C ALA C 281 20.23 -4.69 -6.29
N GLY C 282 19.74 -5.53 -5.38
CA GLY C 282 18.63 -5.11 -4.49
C GLY C 282 17.26 -5.31 -5.09
N LYS C 283 17.18 -6.05 -6.20
CA LYS C 283 15.94 -6.19 -6.92
C LYS C 283 15.26 -7.51 -6.62
N LEU C 284 16.06 -8.53 -6.29
CA LEU C 284 15.53 -9.90 -6.13
C LEU C 284 15.94 -10.46 -4.77
N THR C 285 15.12 -11.40 -4.29
CA THR C 285 15.37 -12.01 -3.01
C THR C 285 14.90 -13.46 -2.97
N TRP C 286 15.26 -14.17 -1.91
CA TRP C 286 14.69 -15.49 -1.62
C TRP C 286 13.78 -15.29 -0.40
N GLY C 287 12.46 -15.33 -0.63
CA GLY C 287 11.46 -15.12 0.40
C GLY C 287 11.00 -16.39 1.13
N GLY C 288 10.62 -16.23 2.40
CA GLY C 288 10.03 -17.32 3.18
C GLY C 288 8.86 -16.76 3.98
N MSE C 289 7.82 -17.57 4.17
CA MSE C 289 6.59 -17.11 4.86
C MSE C 289 5.86 -18.25 5.50
O MSE C 289 5.85 -19.37 4.97
CB MSE C 289 5.57 -16.45 3.90
CG MSE C 289 6.21 -15.57 2.87
SE MSE C 289 5.11 -14.79 1.56
CE MSE C 289 4.07 -13.55 2.71
N LEU C 290 5.23 -17.95 6.62
CA LEU C 290 4.25 -18.86 7.22
C LEU C 290 2.90 -18.15 7.35
N PHE C 291 1.85 -18.92 7.10
CA PHE C 291 0.48 -18.48 7.17
C PHE C 291 -0.32 -19.45 8.01
N ARG C 292 -1.40 -18.93 8.62
CA ARG C 292 -2.41 -19.78 9.25
C ARG C 292 -3.81 -19.48 8.68
N LYS C 293 -4.60 -20.54 8.47
CA LYS C 293 -5.99 -20.40 8.07
C LYS C 293 -6.81 -19.96 9.30
N SER C 294 -6.92 -18.65 9.48
CA SER C 294 -7.62 -18.03 10.62
C SER C 294 -7.70 -16.56 10.32
N ASP C 295 -8.51 -15.83 11.09
CA ASP C 295 -8.69 -14.39 10.85
C ASP C 295 -7.61 -13.56 11.54
N LYS C 296 -7.10 -14.10 12.66
CA LYS C 296 -6.15 -13.40 13.54
C LYS C 296 -4.99 -14.32 13.93
N ILE C 297 -3.88 -13.75 14.38
CA ILE C 297 -2.72 -14.54 14.83
C ILE C 297 -3.04 -15.48 16.04
N ASP D 30 10.46 3.20 32.95
CA ASP D 30 11.43 3.72 33.94
C ASP D 30 11.01 3.24 35.34
N ASP D 31 9.88 3.75 35.83
CA ASP D 31 9.14 3.03 36.87
C ASP D 31 8.72 1.70 36.26
N SER D 32 8.54 1.73 34.93
CA SER D 32 8.34 0.53 34.12
C SER D 32 9.56 -0.41 34.09
N ASP D 33 10.75 0.13 33.81
CA ASP D 33 12.01 -0.63 33.77
C ASP D 33 12.33 -1.32 35.10
N ARG D 34 12.15 -0.61 36.21
CA ARG D 34 12.47 -1.19 37.50
C ARG D 34 11.44 -2.25 37.83
N PHE D 35 10.19 -2.03 37.40
CA PHE D 35 9.13 -3.04 37.54
C PHE D 35 9.58 -4.36 36.89
N TYR D 36 9.94 -4.32 35.61
CA TYR D 36 10.36 -5.54 34.87
C TYR D 36 11.67 -6.19 35.36
N PHE D 37 12.60 -5.37 35.84
CA PHE D 37 13.79 -5.86 36.54
C PHE D 37 13.42 -6.73 37.74
N HIS D 38 12.37 -6.35 38.46
CA HIS D 38 11.96 -7.13 39.60
C HIS D 38 11.13 -8.33 39.18
N VAL D 39 10.23 -8.14 38.21
CA VAL D 39 9.44 -9.24 37.63
C VAL D 39 10.34 -10.37 37.09
N TRP D 40 11.38 -10.00 36.36
CA TRP D 40 12.27 -10.99 35.73
C TRP D 40 13.48 -11.36 36.59
N GLY D 41 13.55 -10.79 37.79
CA GLY D 41 14.71 -10.95 38.67
C GLY D 41 16.07 -10.63 38.06
N GLY D 42 16.14 -9.59 37.21
CA GLY D 42 17.42 -9.15 36.64
C GLY D 42 17.87 -9.88 35.38
N GLU D 43 17.05 -10.80 34.89
CA GLU D 43 17.29 -11.45 33.60
C GLU D 43 17.00 -10.47 32.48
N ASP D 44 17.76 -10.58 31.39
CA ASP D 44 17.41 -9.84 30.19
C ASP D 44 16.38 -10.61 29.38
N ILE D 45 15.16 -10.10 29.38
CA ILE D 45 14.07 -10.72 28.64
C ILE D 45 13.77 -9.89 27.40
N HIS D 46 13.88 -10.56 26.25
CA HIS D 46 13.66 -9.92 24.94
C HIS D 46 12.45 -10.60 24.32
N VAL D 47 11.90 -9.99 23.27
CA VAL D 47 10.81 -10.62 22.52
C VAL D 47 11.26 -12.04 22.17
N GLY D 48 10.43 -13.01 22.52
CA GLY D 48 10.74 -14.41 22.34
C GLY D 48 10.22 -15.10 21.09
N LEU D 49 10.77 -16.27 20.84
CA LEU D 49 10.27 -17.19 19.80
C LEU D 49 9.51 -18.29 20.52
N TYR D 50 8.19 -18.27 20.37
CA TYR D 50 7.28 -19.13 21.19
C TYR D 50 6.87 -20.43 20.51
N LYS D 51 6.75 -21.49 21.31
CA LYS D 51 6.35 -22.80 20.86
C LYS D 51 4.85 -22.95 21.14
N GLU D 52 4.07 -23.14 20.09
CA GLU D 52 2.63 -23.20 20.28
C GLU D 52 2.27 -24.60 20.79
N PRO D 53 1.35 -24.74 21.78
CA PRO D 53 0.44 -23.75 22.38
C PRO D 53 1.19 -22.82 23.32
N VAL D 54 1.06 -21.53 23.06
CA VAL D 54 1.88 -20.50 23.71
C VAL D 54 1.58 -20.40 25.23
N ASP D 55 0.33 -20.67 25.64
CA ASP D 55 -0.03 -20.62 27.09
C ASP D 55 0.86 -21.55 27.92
N GLN D 56 1.28 -22.65 27.33
CA GLN D 56 2.09 -23.63 28.05
C GLN D 56 3.63 -23.42 27.94
N ASP D 57 4.05 -22.50 27.08
CA ASP D 57 5.46 -22.17 26.90
C ASP D 57 5.96 -21.25 28.01
N GLU D 58 7.28 -21.17 28.19
CA GLU D 58 7.86 -20.30 29.22
C GLU D 58 8.56 -19.14 28.55
N ILE D 59 8.20 -17.93 29.01
CA ILE D 59 8.80 -16.69 28.53
C ILE D 59 10.35 -16.72 28.53
N ARG D 60 10.92 -17.13 29.64
CA ARG D 60 12.36 -17.30 29.80
C ARG D 60 12.99 -18.17 28.69
N GLU D 61 12.35 -19.31 28.42
CA GLU D 61 12.78 -20.19 27.36
C GLU D 61 12.62 -19.53 26.00
N ALA D 62 11.50 -18.84 25.79
CA ALA D 62 11.29 -18.25 24.47
C ALA D 62 12.30 -17.14 24.22
N SER D 63 12.60 -16.34 25.25
CA SER D 63 13.62 -15.30 25.13
C SER D 63 15.00 -15.88 24.79
N LEU D 64 15.37 -16.99 25.40
CA LEU D 64 16.62 -17.68 25.04
C LEU D 64 16.61 -18.19 23.60
N ARG D 65 15.48 -18.73 23.15
CA ARG D 65 15.30 -19.17 21.74
C ARG D 65 15.65 -18.05 20.74
N THR D 66 15.17 -16.83 21.05
CA THR D 66 15.52 -15.66 20.26
C THR D 66 17.05 -15.44 20.24
N ASP D 67 17.70 -15.49 21.39
CA ASP D 67 19.17 -15.28 21.43
C ASP D 67 19.91 -16.30 20.58
N GLU D 68 19.52 -17.57 20.73
CA GLU D 68 20.15 -18.67 20.06
C GLU D 68 19.92 -18.55 18.58
N TRP D 69 18.71 -18.14 18.18
CA TRP D 69 18.38 -17.95 16.77
C TRP D 69 19.19 -16.80 16.16
N LEU D 70 19.19 -15.65 16.81
CA LEU D 70 19.91 -14.49 16.27
C LEU D 70 21.42 -14.80 16.16
N ALA D 71 21.97 -15.41 17.21
CA ALA D 71 23.38 -15.80 17.24
C ALA D 71 23.71 -16.82 16.12
N SER D 72 22.82 -17.80 15.90
CA SER D 72 23.03 -18.76 14.79
C SER D 72 23.03 -18.09 13.39
N GLU D 73 22.13 -17.11 13.19
CA GLU D 73 22.11 -16.31 11.97
C GLU D 73 23.44 -15.55 11.82
N LEU D 74 23.85 -14.85 12.88
CA LEU D 74 25.11 -14.11 12.85
C LEU D 74 26.33 -15.03 12.64
N ALA D 75 26.34 -16.16 13.33
CA ALA D 75 27.45 -17.11 13.18
C ALA D 75 27.65 -17.57 11.72
N MSE D 76 26.57 -17.70 10.95
CA MSE D 76 26.68 -18.14 9.55
C MSE D 76 27.48 -17.18 8.68
O MSE D 76 28.01 -17.59 7.65
CB MSE D 76 25.29 -18.34 8.96
CG MSE D 76 24.52 -19.46 9.67
SE MSE D 76 25.14 -21.21 9.08
CE MSE D 76 24.13 -21.32 7.39
N THR D 77 27.53 -15.91 9.08
CA THR D 77 28.34 -14.90 8.34
C THR D 77 29.84 -15.00 8.63
N GLY D 78 30.20 -15.84 9.59
CA GLY D 78 31.62 -16.08 9.93
C GLY D 78 32.24 -15.12 10.95
N VAL D 79 31.50 -14.10 11.42
CA VAL D 79 32.12 -13.12 12.32
C VAL D 79 32.34 -13.56 13.78
N LEU D 80 31.68 -14.65 14.21
CA LEU D 80 31.72 -15.03 15.62
C LEU D 80 32.86 -16.03 15.92
N GLN D 81 34.06 -15.67 15.49
CA GLN D 81 35.27 -16.46 15.81
C GLN D 81 35.69 -16.18 17.25
N ARG D 82 36.39 -17.12 17.87
CA ARG D 82 36.96 -16.91 19.18
C ARG D 82 37.80 -15.61 19.17
N GLN D 83 37.66 -14.80 20.22
CA GLN D 83 38.36 -13.50 20.33
C GLN D 83 37.90 -12.38 19.36
N ALA D 84 36.89 -12.64 18.52
CA ALA D 84 36.34 -11.57 17.69
C ALA D 84 35.79 -10.47 18.60
N LYS D 85 35.79 -9.25 18.12
CA LYS D 85 35.34 -8.10 18.93
C LYS D 85 33.95 -7.61 18.57
N GLY D 86 33.09 -7.57 19.57
CA GLY D 86 31.67 -7.25 19.37
C GLY D 86 31.34 -6.04 20.19
N LEU D 87 30.39 -5.28 19.67
CA LEU D 87 29.78 -4.18 20.41
C LEU D 87 28.30 -4.52 20.63
N ASP D 88 27.83 -4.41 21.87
CA ASP D 88 26.41 -4.62 22.17
C ASP D 88 25.77 -3.25 22.43
N LEU D 89 24.93 -2.81 21.48
CA LEU D 89 24.22 -1.55 21.55
C LEU D 89 22.90 -1.74 22.26
N GLY D 90 22.85 -1.27 23.50
CA GLY D 90 21.60 -1.32 24.26
C GLY D 90 21.56 -2.62 25.00
N ALA D 91 22.68 -2.93 25.65
CA ALA D 91 22.97 -4.20 26.34
C ALA D 91 22.01 -4.59 27.44
N GLY D 92 21.36 -3.59 28.05
CA GLY D 92 20.45 -3.83 29.16
C GLY D 92 21.26 -4.28 30.35
N TYR D 93 20.88 -5.42 30.91
CA TYR D 93 21.63 -5.97 32.03
C TYR D 93 22.75 -6.92 31.57
N GLY D 94 23.03 -6.99 30.28
CA GLY D 94 24.18 -7.76 29.77
C GLY D 94 23.93 -9.25 29.53
N GLY D 95 22.67 -9.68 29.59
CA GLY D 95 22.31 -11.09 29.39
C GLY D 95 22.87 -11.69 28.09
N ALA D 96 22.56 -11.07 26.95
CA ALA D 96 23.05 -11.61 25.66
C ALA D 96 24.58 -11.53 25.50
N ALA D 97 25.22 -10.51 26.09
CA ALA D 97 26.69 -10.42 26.01
C ALA D 97 27.36 -11.63 26.71
N ARG D 98 26.83 -11.98 27.89
CA ARG D 98 27.31 -13.16 28.61
C ARG D 98 27.05 -14.44 27.83
N PHE D 99 25.89 -14.50 27.19
CA PHE D 99 25.52 -15.63 26.36
C PHE D 99 26.54 -15.82 25.23
N LEU D 100 26.84 -14.75 24.51
CA LEU D 100 27.79 -14.78 23.41
C LEU D 100 29.23 -15.09 23.82
N VAL D 101 29.68 -14.47 24.91
CA VAL D 101 31.02 -14.78 25.42
C VAL D 101 31.12 -16.28 25.79
N ARG D 102 30.13 -16.83 26.51
CA ARG D 102 30.21 -18.24 26.90
CA ARG D 102 30.18 -18.24 26.91
C ARG D 102 30.18 -19.17 25.70
N LYS D 103 29.33 -18.88 24.73
CA LYS D 103 29.12 -19.75 23.56
C LYS D 103 30.21 -19.64 22.48
N PHE D 104 30.65 -18.42 22.20
CA PHE D 104 31.55 -18.17 21.08
C PHE D 104 32.99 -17.72 21.45
N GLY D 105 33.22 -17.31 22.71
CA GLY D 105 34.56 -16.88 23.16
C GLY D 105 34.96 -15.53 22.55
N VAL D 106 33.95 -14.73 22.17
CA VAL D 106 34.18 -13.37 21.68
C VAL D 106 34.38 -12.41 22.88
N SER D 107 34.87 -11.19 22.63
CA SER D 107 34.78 -10.11 23.62
C SER D 107 33.65 -9.14 23.24
N ILE D 108 33.01 -8.56 24.25
CA ILE D 108 31.89 -7.64 24.05
C ILE D 108 32.08 -6.33 24.80
N ASP D 109 31.91 -5.22 24.08
CA ASP D 109 31.81 -3.92 24.71
C ASP D 109 30.34 -3.60 24.71
N CYS D 110 29.82 -3.32 25.91
CA CYS D 110 28.42 -2.97 26.09
C CYS D 110 28.28 -1.45 26.19
N LEU D 111 27.34 -0.90 25.41
CA LEU D 111 27.10 0.52 25.42
C LEU D 111 25.65 0.73 25.80
N ASN D 112 25.46 1.47 26.89
CA ASN D 112 24.14 1.75 27.44
C ASN D 112 24.21 3.11 28.14
N ILE D 113 23.13 3.88 28.01
CA ILE D 113 23.05 5.24 28.58
C ILE D 113 22.51 5.25 30.02
N ALA D 114 21.97 4.11 30.47
CA ALA D 114 21.31 4.02 31.75
C ALA D 114 22.29 3.54 32.84
N PRO D 115 22.65 4.44 33.79
CA PRO D 115 23.63 4.09 34.83
C PRO D 115 23.23 2.88 35.69
N VAL D 116 21.94 2.77 36.03
CA VAL D 116 21.45 1.69 36.91
C VAL D 116 21.61 0.32 36.22
N GLN D 117 21.27 0.28 34.93
CA GLN D 117 21.42 -0.92 34.14
C GLN D 117 22.91 -1.24 33.98
N ASN D 118 23.73 -0.20 33.80
CA ASN D 118 25.17 -0.37 33.74
C ASN D 118 25.75 -1.00 35.00
N LYS D 119 25.36 -0.47 36.17
CA LYS D 119 25.78 -0.99 37.47
C LYS D 119 25.49 -2.51 37.59
N ARG D 120 24.23 -2.90 37.38
CA ARG D 120 23.83 -4.31 37.43
C ARG D 120 24.50 -5.23 36.40
N ASN D 121 24.60 -4.78 35.13
CA ASN D 121 25.42 -5.46 34.11
C ASN D 121 26.84 -5.81 34.63
N GLU D 122 27.55 -4.82 35.17
CA GLU D 122 28.88 -5.05 35.77
C GLU D 122 28.83 -6.10 36.90
N GLU D 123 27.86 -5.95 37.80
CA GLU D 123 27.66 -6.92 38.88
C GLU D 123 27.41 -8.34 38.34
N TYR D 124 26.60 -8.48 37.29
CA TYR D 124 26.32 -9.84 36.80
C TYR D 124 27.54 -10.42 36.09
N ASN D 125 28.30 -9.57 35.40
CA ASN D 125 29.51 -10.02 34.69
C ASN D 125 30.54 -10.49 35.68
N ASN D 126 30.64 -9.76 36.78
CA ASN D 126 31.50 -10.15 37.90
C ASN D 126 31.04 -11.48 38.49
N GLN D 127 29.76 -11.53 38.86
CA GLN D 127 29.14 -12.74 39.34
C GLN D 127 29.42 -13.93 38.39
N ALA D 128 29.27 -13.73 37.08
CA ALA D 128 29.51 -14.77 36.09
C ALA D 128 31.00 -15.08 35.82
N GLY D 129 31.91 -14.25 36.33
CA GLY D 129 33.36 -14.42 36.03
C GLY D 129 33.82 -13.91 34.66
N LEU D 130 33.08 -12.96 34.09
CA LEU D 130 33.26 -12.60 32.66
C LEU D 130 33.70 -11.15 32.45
N ALA D 131 34.16 -10.54 33.52
CA ALA D 131 34.51 -9.13 33.51
C ALA D 131 35.70 -8.79 32.60
N ASP D 132 36.60 -9.76 32.38
CA ASP D 132 37.71 -9.55 31.44
C ASP D 132 37.28 -9.51 29.98
N ASN D 133 36.09 -10.05 29.71
CA ASN D 133 35.62 -10.28 28.33
C ASN D 133 34.53 -9.29 27.97
N ILE D 134 33.96 -8.64 28.98
CA ILE D 134 32.81 -7.75 28.76
C ILE D 134 33.07 -6.44 29.48
N THR D 135 33.11 -5.36 28.72
CA THR D 135 33.36 -4.01 29.26
C THR D 135 32.07 -3.21 29.17
N VAL D 136 31.63 -2.66 30.29
CA VAL D 136 30.42 -1.84 30.30
C VAL D 136 30.77 -0.35 30.15
N LYS D 137 30.37 0.24 29.02
CA LYS D 137 30.67 1.64 28.69
C LYS D 137 29.40 2.50 28.77
N TYR D 138 29.52 3.64 29.45
CA TYR D 138 28.48 4.64 29.38
C TYR D 138 28.64 5.40 28.06
N GLY D 139 27.52 5.65 27.40
CA GLY D 139 27.54 6.46 26.17
C GLY D 139 26.29 6.36 25.34
N SER D 140 26.22 7.25 24.36
CA SER D 140 25.12 7.32 23.41
C SER D 140 25.44 6.57 22.11
N PHE D 141 24.42 5.96 21.49
CA PHE D 141 24.55 5.35 20.16
C PHE D 141 24.92 6.43 19.13
N LEU D 142 24.66 7.69 19.48
CA LEU D 142 24.90 8.83 18.57
C LEU D 142 26.36 9.29 18.55
N GLU D 143 27.10 8.92 19.59
CA GLU D 143 28.52 9.19 19.66
C GLU D 143 29.16 7.99 20.33
N ILE D 144 29.33 6.91 19.58
CA ILE D 144 29.95 5.72 20.11
C ILE D 144 31.40 6.06 20.49
N PRO D 145 31.73 5.87 21.78
CA PRO D 145 33.03 6.35 22.26
C PRO D 145 34.19 5.40 21.89
N CYS D 146 34.37 5.15 20.59
CA CYS D 146 35.50 4.33 20.16
CA CYS D 146 35.38 4.20 20.09
C CYS D 146 35.95 4.68 18.75
N GLU D 147 37.14 4.19 18.38
CA GLU D 147 37.72 4.44 17.06
C GLU D 147 36.92 3.84 15.90
N ASP D 148 37.05 4.46 14.73
CA ASP D 148 36.66 3.80 13.49
C ASP D 148 37.21 2.39 13.45
N ASN D 149 36.48 1.47 12.82
CA ASN D 149 37.05 0.16 12.47
C ASN D 149 37.49 -0.64 13.72
N SER D 150 36.66 -0.61 14.76
CA SER D 150 36.97 -1.25 16.04
C SER D 150 36.34 -2.63 16.20
N TYR D 151 35.24 -2.88 15.48
CA TYR D 151 34.43 -4.10 15.74
C TYR D 151 34.30 -5.02 14.56
N ASP D 152 34.51 -6.32 14.83
CA ASP D 152 34.12 -7.38 13.90
C ASP D 152 32.58 -7.44 13.73
N PHE D 153 31.82 -7.18 14.81
CA PHE D 153 30.34 -7.30 14.75
C PHE D 153 29.66 -6.38 15.73
N ILE D 154 28.41 -6.04 15.45
CA ILE D 154 27.54 -5.34 16.40
C ILE D 154 26.29 -6.19 16.63
N TRP D 155 25.83 -6.21 17.87
CA TRP D 155 24.64 -6.94 18.26
C TRP D 155 23.77 -5.89 18.94
N SER D 156 22.51 -5.79 18.52
CA SER D 156 21.58 -4.85 19.15
C SER D 156 20.17 -5.44 19.24
N GLN D 157 19.71 -5.71 20.45
CA GLN D 157 18.38 -6.28 20.60
C GLN D 157 17.41 -5.30 21.20
N ASP D 158 16.47 -4.83 20.37
CA ASP D 158 15.32 -4.03 20.80
C ASP D 158 15.75 -2.74 21.49
N ALA D 159 16.82 -2.14 20.97
CA ALA D 159 17.34 -0.89 21.50
C ALA D 159 17.10 0.34 20.60
N PHE D 160 16.96 0.12 19.29
CA PHE D 160 16.92 1.20 18.32
C PHE D 160 15.60 1.96 18.39
N LEU D 161 14.57 1.27 18.88
CA LEU D 161 13.20 1.83 19.01
C LEU D 161 13.24 3.22 19.68
N HIS D 162 14.08 3.39 20.69
CA HIS D 162 14.10 4.63 21.48
C HIS D 162 15.07 5.70 20.98
N SER D 163 15.87 5.41 19.94
CA SER D 163 16.77 6.44 19.41
C SER D 163 15.99 7.42 18.55
N PRO D 164 16.15 8.72 18.81
CA PRO D 164 15.41 9.63 17.96
C PRO D 164 16.00 9.71 16.54
N ASP D 165 17.34 9.68 16.43
CA ASP D 165 18.05 9.97 15.18
C ASP D 165 18.60 8.67 14.54
N LYS D 166 17.73 7.91 13.89
CA LYS D 166 18.09 6.62 13.30
C LYS D 166 19.27 6.72 12.31
N LEU D 167 19.32 7.78 11.50
CA LEU D 167 20.41 7.89 10.51
C LEU D 167 21.78 7.99 11.22
N LYS D 168 21.85 8.78 12.27
CA LYS D 168 23.11 8.99 12.96
C LYS D 168 23.59 7.70 13.57
N VAL D 169 22.64 6.93 14.10
CA VAL D 169 22.93 5.62 14.71
C VAL D 169 23.54 4.70 13.67
N PHE D 170 22.90 4.56 12.50
CA PHE D 170 23.50 3.75 11.41
C PHE D 170 24.84 4.31 10.92
N GLN D 171 25.02 5.63 10.95
CA GLN D 171 26.27 6.22 10.52
C GLN D 171 27.35 5.80 11.52
N GLU D 172 27.03 5.86 12.81
CA GLU D 172 27.97 5.43 13.84
C GLU D 172 28.30 3.94 13.76
N CYS D 173 27.29 3.10 13.54
CA CYS D 173 27.51 1.65 13.42
C CYS D 173 28.48 1.36 12.27
N ALA D 174 28.23 2.00 11.12
CA ALA D 174 29.05 1.79 9.95
C ALA D 174 30.48 2.27 10.22
N ARG D 175 30.61 3.41 10.91
CA ARG D 175 31.95 3.93 11.30
C ARG D 175 32.82 2.93 12.12
N VAL D 176 32.23 2.33 13.15
CA VAL D 176 32.98 1.53 14.13
C VAL D 176 33.19 0.06 13.69
N LEU D 177 32.32 -0.40 12.80
CA LEU D 177 32.51 -1.70 12.16
C LEU D 177 33.77 -1.69 11.34
N LYS D 178 34.52 -2.78 11.44
CA LYS D 178 35.63 -3.05 10.52
C LYS D 178 35.08 -3.36 9.13
N PRO D 179 35.93 -3.27 8.09
CA PRO D 179 35.53 -3.66 6.73
C PRO D 179 34.96 -5.08 6.74
N ARG D 180 33.81 -5.25 6.08
CA ARG D 180 33.07 -6.52 6.06
C ARG D 180 32.54 -6.99 7.43
N GLY D 181 32.62 -6.13 8.45
CA GLY D 181 31.97 -6.38 9.73
C GLY D 181 30.47 -6.56 9.54
N VAL D 182 29.84 -7.29 10.46
CA VAL D 182 28.43 -7.60 10.36
C VAL D 182 27.65 -7.10 11.58
N MSE D 183 26.46 -6.55 11.33
CA MSE D 183 25.59 -6.14 12.40
C MSE D 183 24.29 -6.93 12.42
O MSE D 183 23.64 -7.09 11.40
CB MSE D 183 25.27 -4.66 12.29
CG MSE D 183 24.39 -4.21 13.46
SE MSE D 183 24.19 -2.28 13.69
CE MSE D 183 23.46 -1.77 12.06
N ALA D 184 23.91 -7.40 13.60
CA ALA D 184 22.66 -8.14 13.76
C ALA D 184 21.82 -7.28 14.69
N ILE D 185 20.62 -6.89 14.22
CA ILE D 185 19.75 -6.07 15.03
C ILE D 185 18.33 -6.65 15.06
N THR D 186 17.66 -6.51 16.21
CA THR D 186 16.20 -6.72 16.27
C THR D 186 15.59 -5.46 16.88
N ASP D 187 14.32 -5.21 16.57
CA ASP D 187 13.59 -4.05 17.12
C ASP D 187 12.08 -4.26 16.94
N PRO D 188 11.28 -3.91 17.98
CA PRO D 188 9.85 -3.73 17.71
C PRO D 188 9.72 -2.57 16.73
N MSE D 189 8.86 -2.72 15.73
CA MSE D 189 8.76 -1.68 14.73
C MSE D 189 7.34 -1.63 14.19
O MSE D 189 6.47 -2.40 14.60
CB MSE D 189 9.82 -1.91 13.61
CG MSE D 189 10.13 -3.28 13.19
SE MSE D 189 11.73 -3.36 11.97
CE MSE D 189 13.25 -3.63 13.05
N LYS D 190 7.10 -0.69 13.26
CA LYS D 190 5.84 -0.65 12.53
C LYS D 190 6.02 -1.44 11.24
N GLU D 191 4.92 -1.98 10.68
CA GLU D 191 4.97 -2.60 9.36
C GLU D 191 5.32 -1.53 8.32
N ASP D 192 6.04 -1.92 7.27
CA ASP D 192 6.31 -1.00 6.14
C ASP D 192 4.98 -0.47 5.64
N GLY D 193 4.96 0.84 5.36
CA GLY D 193 3.79 1.43 4.73
C GLY D 193 2.90 2.09 5.76
N ILE D 194 3.10 1.74 7.04
CA ILE D 194 2.25 2.29 8.12
C ILE D 194 2.64 3.72 8.44
N ASP D 195 1.66 4.63 8.37
CA ASP D 195 1.92 6.03 8.68
C ASP D 195 1.95 6.30 10.20
N LYS D 196 2.78 7.25 10.64
CA LYS D 196 2.78 7.70 12.05
C LYS D 196 1.35 7.93 12.60
N SER D 197 0.49 8.57 11.78
CA SER D 197 -0.92 8.84 12.17
C SER D 197 -1.65 7.61 12.71
N SER D 198 -1.51 6.49 11.99
CA SER D 198 -2.26 5.26 12.33
C SER D 198 -1.80 4.62 13.64
N ILE D 199 -0.60 4.94 14.08
CA ILE D 199 -0.06 4.40 15.34
C ILE D 199 0.18 5.47 16.40
N GLN D 200 -0.54 6.60 16.31
CA GLN D 200 -0.36 7.66 17.28
C GLN D 200 -0.68 7.25 18.72
N PRO D 201 -1.72 6.42 18.93
CA PRO D 201 -2.01 6.00 20.31
C PRO D 201 -0.82 5.33 21.02
N ILE D 202 -0.12 4.39 20.37
CA ILE D 202 1.05 3.76 20.99
C ILE D 202 2.22 4.73 21.06
N LEU D 203 2.37 5.55 20.03
CA LEU D 203 3.39 6.62 20.05
C LEU D 203 3.23 7.55 21.26
N ASP D 204 2.00 7.90 21.60
CA ASP D 204 1.68 8.62 22.86
C ASP D 204 2.01 7.80 24.13
N ARG D 205 1.64 6.52 24.17
CA ARG D 205 1.98 5.70 25.33
C ARG D 205 3.49 5.60 25.53
N ILE D 206 4.24 5.32 24.47
CA ILE D 206 5.69 5.08 24.60
C ILE D 206 6.55 6.35 24.44
N LYS D 207 5.89 7.50 24.32
CA LYS D 207 6.54 8.81 24.14
C LYS D 207 7.60 8.80 23.03
N LEU D 208 7.21 8.41 21.81
CA LEU D 208 8.06 8.50 20.63
C LEU D 208 7.38 9.25 19.49
N HIS D 209 8.17 9.95 18.67
CA HIS D 209 7.67 10.62 17.48
C HIS D 209 7.12 9.69 16.37
N ASP D 210 7.91 8.68 16.05
CA ASP D 210 7.53 7.70 15.04
C ASP D 210 8.29 6.43 15.37
N MSE D 211 8.08 5.41 14.56
CA MSE D 211 8.71 4.13 14.76
C MSE D 211 9.59 3.71 13.56
O MSE D 211 9.35 4.13 12.43
CB MSE D 211 7.60 3.11 15.01
CG MSE D 211 8.00 2.08 15.99
SE MSE D 211 6.54 0.98 16.43
CE MSE D 211 5.80 2.03 17.81
N GLY D 212 10.59 2.87 13.83
CA GLY D 212 11.40 2.26 12.79
C GLY D 212 10.60 1.25 12.01
N SER D 213 11.12 0.86 10.85
CA SER D 213 10.53 -0.20 10.03
C SER D 213 11.65 -0.87 9.22
N LEU D 214 11.39 -2.06 8.73
CA LEU D 214 12.41 -2.79 7.94
C LEU D 214 12.81 -1.94 6.72
N GLY D 215 11.81 -1.34 6.06
CA GLY D 215 12.04 -0.49 4.88
C GLY D 215 12.91 0.73 5.19
N LEU D 216 12.60 1.44 6.29
CA LEU D 216 13.43 2.58 6.70
C LEU D 216 14.85 2.13 7.04
N TYR D 217 14.97 1.11 7.88
CA TYR D 217 16.29 0.68 8.37
C TYR D 217 17.20 0.22 7.22
N ARG D 218 16.62 -0.53 6.29
CA ARG D 218 17.35 -0.93 5.09
C ARG D 218 17.85 0.27 4.29
N SER D 219 17.00 1.28 4.08
CA SER D 219 17.45 2.41 3.27
C SER D 219 18.49 3.27 4.00
N LEU D 220 18.30 3.51 5.30
CA LEU D 220 19.30 4.23 6.12
C LEU D 220 20.63 3.48 6.16
N ALA D 221 20.56 2.16 6.28
CA ALA D 221 21.76 1.37 6.35
C ALA D 221 22.52 1.49 5.05
N LYS D 222 21.78 1.43 3.92
CA LYS D 222 22.42 1.42 2.60
C LYS D 222 23.13 2.77 2.35
N GLU D 223 22.47 3.88 2.74
CA GLU D 223 23.11 5.20 2.75
C GLU D 223 24.47 5.22 3.45
N CYS D 224 24.62 4.43 4.52
CA CYS D 224 25.86 4.37 5.29
C CYS D 224 26.80 3.26 4.83
N GLY D 225 26.52 2.67 3.68
CA GLY D 225 27.36 1.58 3.13
C GLY D 225 27.21 0.24 3.82
N LEU D 226 26.05 0.00 4.41
CA LEU D 226 25.74 -1.33 4.99
C LEU D 226 24.67 -2.02 4.18
N VAL D 227 25.07 -3.11 3.53
CA VAL D 227 24.19 -3.87 2.68
C VAL D 227 23.34 -4.77 3.56
N THR D 228 22.05 -4.82 3.27
CA THR D 228 21.16 -5.79 3.93
C THR D 228 21.37 -7.24 3.45
N LEU D 229 21.83 -8.09 4.36
CA LEU D 229 22.01 -9.49 4.06
C LEU D 229 20.69 -10.24 4.11
N ARG D 230 19.91 -9.96 5.14
CA ARG D 230 18.64 -10.66 5.36
C ARG D 230 17.75 -9.94 6.38
N THR D 231 16.43 -10.12 6.27
CA THR D 231 15.45 -9.50 7.20
C THR D 231 14.41 -10.55 7.67
N PHE D 232 13.80 -10.26 8.81
CA PHE D 232 12.72 -11.07 9.36
C PHE D 232 11.65 -10.15 9.91
N SER D 233 10.38 -10.52 9.74
CA SER D 233 9.27 -9.83 10.35
C SER D 233 8.45 -10.91 11.07
N ARG D 234 8.36 -10.77 12.39
CA ARG D 234 7.69 -11.77 13.22
C ARG D 234 6.57 -11.10 14.03
N PRO D 235 5.47 -10.71 13.36
CA PRO D 235 4.35 -10.12 14.11
C PRO D 235 3.72 -11.14 15.07
N ASP D 236 3.78 -12.42 14.74
CA ASP D 236 3.28 -13.47 15.66
C ASP D 236 4.07 -13.47 16.97
N SER D 237 5.40 -13.41 16.90
CA SER D 237 6.23 -13.26 18.11
C SER D 237 5.91 -11.98 18.86
N LEU D 238 5.68 -10.87 18.15
CA LEU D 238 5.27 -9.63 18.81
C LEU D 238 4.03 -9.89 19.72
N VAL D 239 2.95 -10.41 19.12
CA VAL D 239 1.68 -10.71 19.82
C VAL D 239 1.82 -11.73 20.93
N HIS D 240 2.45 -12.87 20.62
CA HIS D 240 2.74 -13.91 21.62
C HIS D 240 3.51 -13.36 22.80
N HIS D 241 4.58 -12.60 22.53
CA HIS D 241 5.47 -12.14 23.63
C HIS D 241 4.74 -11.20 24.57
N TYR D 242 4.12 -10.16 24.04
CA TYR D 242 3.41 -9.18 24.88
C TYR D 242 2.21 -9.77 25.61
N SER D 243 1.52 -10.70 24.94
CA SER D 243 0.44 -11.49 25.50
C SER D 243 0.95 -12.34 26.69
N LYS D 244 2.12 -12.93 26.52
CA LYS D 244 2.73 -13.78 27.55
C LYS D 244 3.15 -12.97 28.78
N VAL D 245 3.78 -11.81 28.53
CA VAL D 245 4.15 -10.88 29.60
C VAL D 245 2.90 -10.49 30.41
N LYS D 246 1.82 -10.09 29.72
CA LYS D 246 0.53 -9.85 30.39
C LYS D 246 0.02 -11.00 31.27
N ALA D 247 0.05 -12.21 30.74
CA ALA D 247 -0.44 -13.37 31.47
C ALA D 247 0.44 -13.63 32.71
N GLU D 248 1.72 -13.29 32.58
CA GLU D 248 2.67 -13.41 33.70
C GLU D 248 2.33 -12.48 34.87
N LEU D 249 2.08 -11.20 34.57
CA LEU D 249 1.66 -10.23 35.60
C LEU D 249 0.32 -10.60 36.20
N ILE D 250 -0.63 -11.09 35.40
CA ILE D 250 -1.93 -11.54 35.95
C ILE D 250 -1.70 -12.73 36.88
N LYS D 251 -0.88 -13.68 36.42
CA LYS D 251 -0.60 -14.92 37.15
C LYS D 251 0.04 -14.63 38.50
N ARG D 252 0.98 -13.69 38.51
CA ARG D 252 1.73 -13.33 39.71
C ARG D 252 1.26 -12.00 40.32
N SER D 253 -0.01 -11.66 40.16
CA SER D 253 -0.52 -10.39 40.67
C SER D 253 -0.47 -10.34 42.20
N SER D 254 -0.85 -11.45 42.86
CA SER D 254 -0.85 -11.53 44.33
C SER D 254 0.52 -11.22 44.94
N GLU D 255 1.59 -11.76 44.36
CA GLU D 255 2.94 -11.42 44.78
C GLU D 255 3.43 -10.10 44.17
N PHE D 259 4.34 -5.44 46.54
CA PHE D 259 5.12 -4.22 46.30
C PHE D 259 4.61 -3.49 45.06
N CYS D 260 3.32 -3.63 44.77
CA CYS D 260 2.67 -2.93 43.65
C CYS D 260 1.19 -2.72 43.90
N SER D 261 0.74 -1.47 43.73
CA SER D 261 -0.67 -1.11 43.82
C SER D 261 -1.53 -1.82 42.73
N PRO D 262 -2.86 -1.97 42.98
CA PRO D 262 -3.79 -2.52 41.98
C PRO D 262 -3.78 -1.70 40.68
N GLU D 263 -3.81 -0.38 40.83
CA GLU D 263 -3.78 0.57 39.71
C GLU D 263 -2.45 0.59 38.91
N PHE D 264 -1.30 0.44 39.57
CA PHE D 264 0.01 0.44 38.86
C PHE D 264 0.15 -0.79 37.95
N GLN D 265 -0.18 -1.95 38.48
CA GLN D 265 -0.17 -3.21 37.76
C GLN D 265 -1.12 -3.16 36.57
N ALA D 266 -2.27 -2.52 36.76
CA ALA D 266 -3.23 -2.27 35.69
C ALA D 266 -2.60 -1.42 34.59
N ASN D 267 -1.78 -0.43 34.99
CA ASN D 267 -1.06 0.42 34.04
C ASN D 267 -0.02 -0.31 33.17
N MSE D 268 0.84 -1.11 33.80
CA MSE D 268 1.85 -1.90 33.05
C MSE D 268 1.15 -2.70 31.97
O MSE D 268 1.61 -2.77 30.84
CB MSE D 268 2.58 -2.87 33.97
CG MSE D 268 3.40 -2.23 35.06
SE MSE D 268 4.55 -0.90 34.29
CE MSE D 268 5.98 -1.84 33.76
N LYS D 269 0.04 -3.32 32.37
CA LYS D 269 -0.78 -4.16 31.51
C LYS D 269 -1.39 -3.39 30.32
N ARG D 270 -1.77 -2.13 30.55
CA ARG D 270 -2.21 -1.25 29.46
C ARG D 270 -1.12 -0.99 28.43
N GLY D 271 0.11 -0.81 28.87
CA GLY D 271 1.22 -0.61 27.93
C GLY D 271 1.47 -1.83 27.06
N LEU D 272 1.40 -3.00 27.69
CA LEU D 272 1.53 -4.27 26.96
C LEU D 272 0.44 -4.39 25.87
N GLU D 273 -0.77 -3.97 26.22
CA GLU D 273 -1.93 -4.07 25.35
C GLU D 273 -1.80 -3.27 24.03
N HIS D 274 -1.16 -2.10 24.06
CA HIS D 274 -0.85 -1.35 22.84
C HIS D 274 -0.04 -2.20 21.87
N TRP D 275 0.93 -2.95 22.38
CA TRP D 275 1.75 -3.78 21.49
C TRP D 275 0.92 -4.93 20.93
N ILE D 276 0.19 -5.61 21.83
CA ILE D 276 -0.69 -6.74 21.44
C ILE D 276 -1.69 -6.29 20.37
N GLU D 277 -2.44 -5.23 20.65
CA GLU D 277 -3.41 -4.68 19.69
C GLU D 277 -2.79 -4.21 18.35
N GLY D 278 -1.69 -3.47 18.41
CA GLY D 278 -1.00 -3.06 17.18
C GLY D 278 -0.53 -4.24 16.34
N GLY D 279 -0.02 -5.29 16.98
CA GLY D 279 0.34 -6.50 16.26
C GLY D 279 -0.89 -7.18 15.64
N ARG D 280 -1.93 -7.38 16.44
CA ARG D 280 -3.18 -7.96 15.93
C ARG D 280 -3.80 -7.12 14.81
N ALA D 281 -3.65 -5.80 14.89
CA ALA D 281 -4.22 -4.88 13.90
C ALA D 281 -3.44 -4.81 12.59
N GLY D 282 -2.29 -5.49 12.50
CA GLY D 282 -1.39 -5.42 11.34
C GLY D 282 -0.56 -4.15 11.19
N LYS D 283 -0.38 -3.41 12.29
CA LYS D 283 0.30 -2.14 12.24
C LYS D 283 1.73 -2.27 12.72
N LEU D 284 1.93 -3.21 13.65
CA LEU D 284 3.19 -3.43 14.34
C LEU D 284 3.74 -4.82 14.11
N THR D 285 5.05 -4.93 14.21
CA THR D 285 5.73 -6.21 14.10
C THR D 285 6.98 -6.22 14.96
N TRP D 286 7.67 -7.35 15.02
CA TRP D 286 8.97 -7.37 15.66
C TRP D 286 9.96 -7.78 14.56
N GLY D 287 10.83 -6.85 14.20
CA GLY D 287 11.72 -7.07 13.05
C GLY D 287 13.14 -7.44 13.40
N GLY D 288 13.79 -8.15 12.47
CA GLY D 288 15.19 -8.44 12.67
C GLY D 288 15.94 -8.27 11.36
N MSE D 289 17.22 -7.91 11.43
CA MSE D 289 18.04 -7.85 10.21
C MSE D 289 19.52 -8.04 10.48
O MSE D 289 20.00 -7.82 11.60
CB MSE D 289 17.83 -6.53 9.43
CG MSE D 289 17.74 -5.33 10.26
SE MSE D 289 16.48 -3.93 9.69
CE MSE D 289 16.55 -3.90 7.78
N LEU D 290 20.23 -8.49 9.44
CA LEU D 290 21.66 -8.54 9.47
C LEU D 290 22.21 -7.67 8.35
N PHE D 291 23.24 -6.90 8.63
CA PHE D 291 23.90 -6.05 7.60
C PHE D 291 25.38 -6.39 7.49
N ARG D 292 25.97 -6.16 6.32
CA ARG D 292 27.42 -6.18 6.22
C ARG D 292 27.97 -4.83 5.71
N LYS D 293 29.08 -4.38 6.31
CA LYS D 293 29.83 -3.23 5.83
C LYS D 293 30.57 -3.58 4.52
N SER D 294 29.85 -3.41 3.41
CA SER D 294 30.28 -3.83 2.09
C SER D 294 29.31 -3.21 1.13
N ASP D 295 29.77 -2.91 -0.09
CA ASP D 295 28.94 -2.35 -1.16
C ASP D 295 27.85 -3.37 -1.63
N LYS D 296 28.24 -4.64 -1.70
CA LYS D 296 27.37 -5.69 -2.23
C LYS D 296 27.39 -6.96 -1.37
N ILE D 297 26.29 -7.74 -1.44
CA ILE D 297 26.32 -9.25 -1.34
C ILE D 297 25.12 -9.98 -0.77
#